data_8GPW
#
_entry.id   8GPW
#
_cell.length_a   95.400
_cell.length_b   103.660
_cell.length_c   80.250
_cell.angle_alpha   90.000
_cell.angle_beta   90.000
_cell.angle_gamma   90.000
#
_symmetry.space_group_name_H-M   'P 21 21 2'
#
loop_
_entity.id
_entity.type
_entity.pdbx_description
1 polymer 'Peptidoglycan D,D-transpeptidase FtsI'
2 non-polymer '1-[(~{Z})-[1-(2-azanyl-1,3-thiazol-4-yl)-2-[[(2~{S})-3-methyl-1-oxidanylidene-3-(sulfooxyamino)butan-2-yl]amino]-2-oxidanylidene-ethylidene]amino]oxycyclopropane-1-carboxylic acid'
3 water water
#
_entity_poly.entity_id   1
_entity_poly.type   'polypeptide(L)'
_entity_poly.pdbx_seq_one_letter_code
;STSRGMITDRSGRPLAVSVPVGGGESRRYYPSGEVTAHLIGFTNVDSQGIEGVEKSFDKWLTGQGGGAAHNLALSIDERL
QALVYRELNNAVAFNKAESGSAVLVDVNTGEVLAMANSPSYNPNNFAGTAKDTMRNRAITDVFEPGSTVKPMVVMTALQR
GIVNENTVLNTVPYRINGHEIKDVARYSELTLTGVLQKSSNVGVSKLALAMPSSALVDTYSRFGLGKATNLGLVGERSGL
YPQKQRWSDIERATFSFGYGLMVTPLQLARVYATIGSYGIYRPLSITKVDPPVPGERVFPESLVRTVVHMMESVALPGGG
GVKAAIKGYRIAIKTGTAKKVGPDGRYINKYIAYTAGVAPASHPRFALVVVINDPQAGKYYGGAVSAPVFGAIMGGVLRT
MNIEPDALAT
;
_entity_poly.pdbx_strand_id   A,B
#
# COMPACT_ATOMS: atom_id res chain seq x y z
N SER A 3 8.66 -18.85 -19.14
CA SER A 3 9.70 -19.68 -18.54
C SER A 3 9.34 -20.02 -17.09
N ARG A 4 8.71 -19.07 -16.39
CA ARG A 4 8.26 -19.29 -15.03
C ARG A 4 6.80 -18.90 -14.91
N GLY A 5 6.01 -19.77 -14.28
CA GLY A 5 4.60 -19.48 -14.12
C GLY A 5 4.37 -18.21 -13.33
N MET A 6 3.17 -17.68 -13.50
CA MET A 6 2.70 -16.53 -12.73
C MET A 6 2.09 -17.01 -11.43
N ILE A 7 2.36 -16.29 -10.34
CA ILE A 7 1.58 -16.43 -9.11
C ILE A 7 0.50 -15.36 -9.12
N THR A 8 -0.73 -15.75 -8.84
CA THR A 8 -1.84 -14.81 -8.79
C THR A 8 -2.56 -14.95 -7.47
N ASP A 9 -3.44 -14.00 -7.15
CA ASP A 9 -4.36 -14.16 -6.04
C ASP A 9 -5.51 -15.06 -6.49
N ARG A 10 -6.52 -15.24 -5.63
CA ARG A 10 -7.53 -16.24 -5.89
C ARG A 10 -8.42 -15.89 -7.08
N SER A 11 -8.33 -14.66 -7.57
CA SER A 11 -9.16 -14.18 -8.68
C SER A 11 -8.34 -13.86 -9.91
N GLY A 12 -7.07 -14.25 -9.92
CA GLY A 12 -6.22 -14.07 -11.07
C GLY A 12 -5.36 -12.82 -11.06
N ARG A 13 -5.43 -12.00 -10.02
CA ARG A 13 -4.60 -10.79 -10.03
C ARG A 13 -3.13 -11.19 -9.93
N PRO A 14 -2.26 -10.64 -10.77
CA PRO A 14 -0.85 -11.07 -10.74
C PRO A 14 -0.15 -10.63 -9.46
N LEU A 15 0.54 -11.58 -8.82
CA LEU A 15 1.36 -11.27 -7.64
C LEU A 15 2.85 -11.56 -7.85
N ALA A 16 3.20 -12.45 -8.77
CA ALA A 16 4.57 -12.65 -9.17
C ALA A 16 4.55 -13.02 -10.63
N VAL A 17 5.25 -12.24 -11.45
CA VAL A 17 5.17 -12.38 -12.91
C VAL A 17 6.57 -12.22 -13.48
N SER A 18 6.89 -13.03 -14.48
CA SER A 18 8.18 -12.92 -15.15
C SER A 18 8.06 -11.98 -16.34
N VAL A 19 9.01 -11.06 -16.45
CA VAL A 19 8.97 -10.05 -17.51
C VAL A 19 10.30 -10.10 -18.26
N PRO A 20 10.33 -9.83 -19.56
CA PRO A 20 11.54 -9.85 -20.37
C PRO A 20 12.35 -8.55 -20.24
N SER A 26 14.82 -12.75 -18.77
CA SER A 26 13.68 -12.16 -18.06
C SER A 26 13.93 -11.97 -16.56
N ARG A 27 13.04 -11.23 -15.91
CA ARG A 27 13.16 -10.89 -14.50
C ARG A 27 11.82 -11.06 -13.81
N ARG A 28 11.88 -11.38 -12.52
CA ARG A 28 10.68 -11.52 -11.73
C ARG A 28 10.21 -10.15 -11.24
N TYR A 29 8.92 -9.88 -11.35
CA TYR A 29 8.34 -8.64 -10.87
C TYR A 29 7.19 -8.96 -9.94
N TYR A 30 7.06 -8.19 -8.86
CA TYR A 30 6.04 -8.42 -7.84
C TYR A 30 5.12 -7.22 -7.72
N PRO A 31 3.91 -7.26 -8.31
CA PRO A 31 3.10 -6.05 -8.44
C PRO A 31 2.60 -5.47 -7.11
N SER A 32 2.47 -6.25 -6.06
CA SER A 32 2.06 -5.70 -4.76
C SER A 32 3.26 -5.37 -3.87
N GLY A 33 4.47 -5.62 -4.36
CA GLY A 33 5.69 -5.33 -3.61
C GLY A 33 5.67 -5.82 -2.18
N GLU A 34 5.88 -4.90 -1.24
CA GLU A 34 6.05 -5.30 0.15
C GLU A 34 4.74 -5.79 0.79
N VAL A 35 3.60 -5.57 0.15
CA VAL A 35 2.30 -5.90 0.74
C VAL A 35 2.16 -7.41 0.94
N THR A 36 2.73 -8.21 0.03
CA THR A 36 2.60 -9.67 0.09
C THR A 36 3.97 -10.34 0.09
N ALA A 37 5.01 -9.61 0.52
CA ALA A 37 6.40 -10.03 0.34
C ALA A 37 6.70 -11.35 1.05
N HIS A 38 6.30 -11.46 2.31
CA HIS A 38 6.71 -12.61 3.12
C HIS A 38 6.10 -13.90 2.62
N LEU A 39 4.83 -13.84 2.17
CA LEU A 39 4.20 -15.04 1.68
C LEU A 39 4.77 -15.43 0.32
N ILE A 40 4.85 -14.47 -0.61
CA ILE A 40 5.26 -14.80 -1.98
C ILE A 40 6.74 -15.15 -2.03
N GLY A 41 7.59 -14.38 -1.34
CA GLY A 41 9.01 -14.64 -1.35
C GLY A 41 9.67 -14.05 -2.58
N PHE A 42 10.75 -14.67 -3.05
CA PHE A 42 11.49 -14.11 -4.18
C PHE A 42 12.40 -15.19 -4.75
N THR A 43 12.95 -14.90 -5.93
CA THR A 43 13.85 -15.77 -6.64
C THR A 43 15.26 -15.17 -6.64
N ASN A 44 16.25 -16.03 -6.90
CA ASN A 44 17.63 -15.59 -7.00
C ASN A 44 17.87 -15.02 -8.40
N VAL A 45 19.15 -14.89 -8.77
CA VAL A 45 19.45 -14.43 -10.12
C VAL A 45 18.98 -15.43 -11.15
N ASP A 46 19.18 -16.71 -10.90
CA ASP A 46 18.80 -17.67 -11.94
C ASP A 46 17.33 -18.00 -11.82
N SER A 47 16.51 -17.08 -11.32
CA SER A 47 15.06 -17.22 -11.34
C SER A 47 14.55 -18.45 -10.58
N GLN A 48 15.35 -19.00 -9.68
CA GLN A 48 14.95 -20.10 -8.83
C GLN A 48 14.44 -19.57 -7.49
N GLY A 49 13.33 -20.11 -7.00
CA GLY A 49 12.75 -19.60 -5.77
C GLY A 49 13.60 -19.98 -4.55
N ILE A 50 13.76 -19.03 -3.64
CA ILE A 50 14.54 -19.27 -2.42
C ILE A 50 13.78 -18.88 -1.15
N GLU A 51 12.59 -18.29 -1.26
CA GLU A 51 11.76 -17.98 -0.10
C GLU A 51 10.27 -18.05 -0.47
N GLY A 52 9.45 -18.25 0.56
CA GLY A 52 8.00 -18.23 0.40
C GLY A 52 7.47 -19.10 -0.71
N VAL A 53 6.29 -18.74 -1.23
CA VAL A 53 5.68 -19.51 -2.32
C VAL A 53 6.63 -19.73 -3.48
N GLU A 54 7.46 -18.73 -3.79
CA GLU A 54 8.40 -18.89 -4.91
C GLU A 54 9.25 -20.14 -4.73
N LYS A 55 9.64 -20.44 -3.48
CA LYS A 55 10.43 -21.64 -3.22
C LYS A 55 9.54 -22.86 -3.07
N SER A 56 8.48 -22.75 -2.27
CA SER A 56 7.62 -23.90 -2.00
C SER A 56 7.07 -24.51 -3.27
N PHE A 57 6.68 -23.68 -4.23
CA PHE A 57 6.08 -24.14 -5.47
C PHE A 57 7.04 -24.01 -6.65
N ASP A 58 8.35 -24.05 -6.37
CA ASP A 58 9.31 -23.76 -7.43
C ASP A 58 9.20 -24.76 -8.56
N LYS A 59 9.06 -26.04 -8.24
CA LYS A 59 8.99 -27.07 -9.27
C LYS A 59 7.72 -26.93 -10.10
N TRP A 60 6.60 -26.74 -9.41
CA TRP A 60 5.33 -26.43 -10.09
C TRP A 60 5.49 -25.24 -11.03
N LEU A 61 6.10 -24.15 -10.54
CA LEU A 61 6.12 -22.90 -11.30
C LEU A 61 7.03 -22.97 -12.52
N THR A 62 8.10 -23.75 -12.47
CA THR A 62 9.04 -23.79 -13.60
C THR A 62 8.73 -24.92 -14.58
N GLY A 67 7.94 -30.62 -19.69
CA GLY A 67 6.85 -30.32 -18.75
C GLY A 67 6.56 -28.81 -18.65
N ALA A 68 5.28 -28.44 -18.53
CA ALA A 68 4.91 -27.04 -18.65
C ALA A 68 5.18 -26.29 -17.35
N ALA A 69 5.40 -24.98 -17.48
CA ALA A 69 5.47 -24.10 -16.32
C ALA A 69 4.05 -23.66 -16.00
N HIS A 70 3.58 -23.99 -14.80
CA HIS A 70 2.19 -23.74 -14.43
C HIS A 70 2.04 -22.43 -13.66
N ASN A 71 0.94 -21.72 -13.92
CA ASN A 71 0.53 -20.65 -13.04
C ASN A 71 0.02 -21.23 -11.72
N LEU A 72 -0.11 -20.37 -10.71
CA LEU A 72 -0.53 -20.83 -9.40
C LEU A 72 -1.42 -19.78 -8.75
N ALA A 73 -2.66 -20.19 -8.44
CA ALA A 73 -3.64 -19.31 -7.82
C ALA A 73 -3.60 -19.52 -6.31
N LEU A 74 -3.09 -18.53 -5.59
CA LEU A 74 -3.15 -18.59 -4.14
C LEU A 74 -4.59 -18.42 -3.64
N SER A 75 -4.83 -18.82 -2.38
CA SER A 75 -6.08 -18.52 -1.72
C SER A 75 -6.24 -17.04 -1.40
N ILE A 76 -5.13 -16.28 -1.39
CA ILE A 76 -5.16 -14.87 -1.03
C ILE A 76 -6.12 -14.10 -1.91
N ASP A 77 -6.82 -13.14 -1.31
CA ASP A 77 -7.54 -12.12 -2.06
C ASP A 77 -6.72 -10.85 -1.92
N GLU A 78 -6.18 -10.35 -3.03
CA GLU A 78 -5.26 -9.21 -2.91
C GLU A 78 -5.94 -7.99 -2.29
N ARG A 79 -7.25 -7.84 -2.50
CA ARG A 79 -7.96 -6.72 -1.88
C ARG A 79 -7.90 -6.85 -0.37
N LEU A 80 -8.10 -8.06 0.14
CA LEU A 80 -8.01 -8.28 1.58
C LEU A 80 -6.57 -8.18 2.06
N GLN A 81 -5.63 -8.79 1.33
CA GLN A 81 -4.22 -8.66 1.69
C GLN A 81 -3.83 -7.19 1.86
N ALA A 82 -4.25 -6.33 0.94
CA ALA A 82 -3.80 -4.93 0.96
C ALA A 82 -4.37 -4.19 2.15
N LEU A 83 -5.67 -4.35 2.43
CA LEU A 83 -6.23 -3.61 3.56
C LEU A 83 -5.70 -4.16 4.88
N VAL A 84 -5.44 -5.47 4.96
CA VAL A 84 -4.85 -6.04 6.17
C VAL A 84 -3.46 -5.44 6.40
N TYR A 85 -2.61 -5.47 5.37
CA TYR A 85 -1.26 -4.92 5.49
C TYR A 85 -1.28 -3.42 5.84
N ARG A 86 -2.22 -2.67 5.24
CA ARG A 86 -2.33 -1.25 5.48
C ARG A 86 -2.54 -0.97 6.96
N GLU A 87 -3.57 -1.58 7.54
CA GLU A 87 -3.84 -1.37 8.96
C GLU A 87 -2.69 -1.88 9.82
N LEU A 88 -2.18 -3.08 9.53
CA LEU A 88 -1.19 -3.70 10.42
C LEU A 88 0.11 -2.90 10.41
N ASN A 89 0.62 -2.61 9.21
CA ASN A 89 1.86 -1.88 9.05
C ASN A 89 1.79 -0.49 9.68
N ASN A 90 0.70 0.23 9.47
CA ASN A 90 0.63 1.54 10.13
C ASN A 90 0.46 1.41 11.64
N ALA A 91 -0.20 0.35 12.12
CA ALA A 91 -0.30 0.13 13.57
C ALA A 91 1.06 -0.20 14.18
N VAL A 92 1.88 -0.99 13.49
CA VAL A 92 3.18 -1.33 14.03
C VAL A 92 4.03 -0.06 14.13
N ALA A 93 4.00 0.77 13.09
CA ALA A 93 4.73 2.03 13.10
C ALA A 93 4.21 2.95 14.20
N PHE A 94 2.89 3.14 14.25
CA PHE A 94 2.29 4.05 15.23
C PHE A 94 2.62 3.63 16.64
N ASN A 95 2.61 2.33 16.91
CA ASN A 95 2.89 1.79 18.24
C ASN A 95 4.38 1.59 18.50
N LYS A 96 5.25 1.96 17.55
CA LYS A 96 6.70 1.77 17.71
C LYS A 96 7.02 0.33 18.11
N ALA A 97 6.28 -0.61 17.52
CA ALA A 97 6.38 -2.01 17.89
C ALA A 97 7.54 -2.66 17.14
N GLU A 98 8.05 -3.75 17.72
CA GLU A 98 9.07 -4.51 17.01
C GLU A 98 8.53 -5.08 15.70
N SER A 99 7.31 -5.57 15.70
CA SER A 99 6.77 -6.26 14.54
C SER A 99 5.29 -6.50 14.76
N GLY A 100 4.61 -6.92 13.70
CA GLY A 100 3.24 -7.38 13.80
C GLY A 100 2.91 -8.40 12.72
N SER A 101 1.97 -9.28 13.03
CA SER A 101 1.44 -10.27 12.11
C SER A 101 -0.08 -10.25 12.12
N ALA A 102 -0.68 -10.50 10.96
CA ALA A 102 -2.11 -10.59 10.84
C ALA A 102 -2.46 -11.70 9.87
N VAL A 103 -3.38 -12.59 10.26
CA VAL A 103 -3.76 -13.70 9.39
C VAL A 103 -5.28 -13.75 9.33
N LEU A 104 -5.81 -13.84 8.12
CA LEU A 104 -7.25 -13.90 7.90
C LEU A 104 -7.57 -15.21 7.19
N VAL A 105 -8.48 -16.00 7.76
CA VAL A 105 -8.74 -17.36 7.27
C VAL A 105 -10.24 -17.50 6.99
N ASP A 106 -10.57 -18.13 5.87
CA ASP A 106 -11.96 -18.41 5.52
C ASP A 106 -12.45 -19.55 6.42
N VAL A 107 -13.41 -19.24 7.29
CA VAL A 107 -13.96 -20.20 8.25
C VAL A 107 -14.49 -21.46 7.60
N ASN A 108 -15.01 -21.35 6.37
CA ASN A 108 -15.67 -22.47 5.72
C ASN A 108 -14.71 -23.34 4.92
N THR A 109 -13.57 -22.80 4.49
CA THR A 109 -12.69 -23.54 3.61
C THR A 109 -11.31 -23.78 4.16
N GLY A 110 -10.87 -23.06 5.19
CA GLY A 110 -9.49 -23.14 5.61
C GLY A 110 -8.54 -22.31 4.78
N GLU A 111 -9.04 -21.65 3.72
CA GLU A 111 -8.15 -20.83 2.91
C GLU A 111 -7.64 -19.60 3.66
N VAL A 112 -6.35 -19.33 3.49
CA VAL A 112 -5.73 -18.13 4.05
C VAL A 112 -6.06 -16.98 3.09
N LEU A 113 -6.96 -16.09 3.51
CA LEU A 113 -7.36 -14.97 2.65
C LEU A 113 -6.39 -13.81 2.74
N ALA A 114 -5.61 -13.72 3.81
CA ALA A 114 -4.56 -12.72 3.92
C ALA A 114 -3.57 -13.17 4.97
N MET A 115 -2.30 -12.83 4.74
CA MET A 115 -1.23 -13.19 5.67
C MET A 115 -0.19 -12.10 5.51
N ALA A 116 -0.09 -11.21 6.48
CA ALA A 116 0.74 -10.03 6.35
C ALA A 116 1.57 -9.85 7.61
N ASN A 117 2.75 -9.25 7.44
CA ASN A 117 3.62 -8.92 8.54
C ASN A 117 4.19 -7.52 8.31
N SER A 118 4.57 -6.87 9.42
CA SER A 118 5.28 -5.61 9.40
C SER A 118 6.36 -5.73 10.47
N PRO A 119 7.59 -5.28 10.19
CA PRO A 119 8.03 -4.63 8.97
C PRO A 119 8.13 -5.58 7.77
N SER A 120 8.01 -5.00 6.58
CA SER A 120 8.15 -5.75 5.36
C SER A 120 9.34 -5.18 4.58
N TYR A 121 9.49 -5.66 3.35
CA TYR A 121 10.56 -5.25 2.45
C TYR A 121 10.03 -5.35 1.04
N ASN A 122 10.73 -4.74 0.10
CA ASN A 122 10.24 -4.77 -1.27
C ASN A 122 10.93 -5.89 -2.01
N PRO A 123 10.21 -6.96 -2.37
CA PRO A 123 10.85 -8.08 -3.08
C PRO A 123 11.35 -7.70 -4.45
N ASN A 124 10.97 -6.55 -5.00
CA ASN A 124 11.55 -6.14 -6.28
C ASN A 124 12.97 -5.62 -6.13
N ASN A 125 13.45 -5.41 -4.91
CA ASN A 125 14.84 -5.01 -4.68
C ASN A 125 15.22 -5.31 -3.24
N PHE A 126 15.33 -6.58 -2.88
CA PHE A 126 15.74 -7.00 -1.54
C PHE A 126 17.26 -6.95 -1.49
N ALA A 127 17.80 -5.74 -1.28
CA ALA A 127 19.23 -5.49 -1.43
C ALA A 127 20.00 -5.98 -0.22
N GLY A 128 19.77 -5.34 0.93
CA GLY A 128 20.35 -5.81 2.17
C GLY A 128 19.38 -5.60 3.31
N THR A 129 18.10 -5.91 3.11
CA THR A 129 17.14 -5.83 4.21
C THR A 129 17.51 -6.91 5.22
N ALA A 130 17.43 -6.57 6.51
CA ALA A 130 17.84 -7.50 7.56
C ALA A 130 17.17 -8.86 7.38
N LYS A 131 17.94 -9.93 7.67
CA LYS A 131 17.34 -11.26 7.55
C LYS A 131 16.04 -11.35 8.35
N ASP A 132 15.96 -10.58 9.42
CA ASP A 132 14.93 -10.63 10.42
C ASP A 132 13.71 -9.83 9.99
N THR A 133 13.84 -9.02 8.94
CA THR A 133 12.71 -8.37 8.29
C THR A 133 12.11 -9.23 7.20
N MET A 134 12.88 -10.15 6.66
CA MET A 134 12.46 -10.92 5.51
C MET A 134 11.78 -12.23 5.88
N ARG A 135 11.92 -12.68 7.12
CA ARG A 135 11.24 -13.90 7.49
C ARG A 135 9.77 -13.64 7.77
N ASN A 136 8.96 -14.66 7.49
CA ASN A 136 7.50 -14.59 7.56
C ASN A 136 7.09 -14.84 9.01
N ARG A 137 6.92 -13.76 9.77
CA ARG A 137 6.68 -13.91 11.20
C ARG A 137 5.36 -14.64 11.50
N ALA A 138 4.39 -14.58 10.59
CA ALA A 138 3.12 -15.28 10.81
C ALA A 138 3.32 -16.78 11.02
N ILE A 139 4.40 -17.35 10.49
CA ILE A 139 4.67 -18.78 10.60
C ILE A 139 5.99 -19.08 11.32
N THR A 140 6.86 -18.09 11.55
CA THR A 140 8.13 -18.32 12.23
C THR A 140 8.21 -17.73 13.63
N ASP A 141 7.33 -16.79 13.99
CA ASP A 141 7.31 -16.25 15.34
C ASP A 141 6.44 -17.14 16.19
N VAL A 142 6.92 -17.48 17.39
CA VAL A 142 6.09 -18.19 18.37
C VAL A 142 6.01 -17.34 19.62
N PHE A 143 4.79 -17.13 20.11
CA PHE A 143 4.53 -16.36 21.32
C PHE A 143 3.57 -17.17 22.17
N GLU A 144 3.55 -16.90 23.47
CA GLU A 144 2.53 -17.49 24.33
C GLU A 144 1.17 -16.86 24.01
N PRO A 145 0.11 -17.66 23.83
CA PRO A 145 -1.17 -17.09 23.38
C PRO A 145 -1.93 -16.32 24.46
N GLY A 146 -1.56 -16.45 25.73
CA GLY A 146 -2.23 -15.69 26.77
C GLY A 146 -3.73 -15.93 26.78
N SER A 147 -4.50 -14.85 26.96
CA SER A 147 -5.94 -14.99 27.14
C SER A 147 -6.69 -15.42 25.88
N THR A 148 -6.05 -15.49 24.72
CA THR A 148 -6.79 -15.97 23.55
C THR A 148 -7.24 -17.43 23.68
N VAL A 149 -6.66 -18.21 24.61
CA VAL A 149 -7.08 -19.60 24.78
C VAL A 149 -8.37 -19.73 25.58
N LYS A 150 -8.79 -18.65 26.25
CA LYS A 150 -9.84 -18.78 27.24
C LYS A 150 -11.16 -19.32 26.68
N PRO A 151 -11.57 -19.02 25.45
CA PRO A 151 -12.82 -19.63 24.93
C PRO A 151 -12.79 -21.14 24.99
N MET A 152 -11.63 -21.77 24.76
CA MET A 152 -11.53 -23.22 24.82
C MET A 152 -11.67 -23.73 26.26
N VAL A 153 -11.23 -22.94 27.25
CA VAL A 153 -11.44 -23.33 28.64
C VAL A 153 -12.93 -23.44 28.95
N VAL A 154 -13.70 -22.40 28.59
CA VAL A 154 -15.13 -22.42 28.85
C VAL A 154 -15.78 -23.59 28.14
N MET A 155 -15.47 -23.78 26.85
CA MET A 155 -16.01 -24.90 26.08
C MET A 155 -15.82 -26.21 26.82
N THR A 156 -14.59 -26.45 27.28
CA THR A 156 -14.25 -27.67 27.99
C THR A 156 -15.04 -27.80 29.29
N ALA A 157 -15.10 -26.72 30.06
CA ALA A 157 -15.80 -26.75 31.34
C ALA A 157 -17.28 -27.06 31.14
N LEU A 158 -17.88 -26.48 30.10
CA LEU A 158 -19.27 -26.77 29.80
C LEU A 158 -19.46 -28.24 29.44
N GLN A 159 -18.62 -28.76 28.55
CA GLN A 159 -18.74 -30.15 28.12
C GLN A 159 -18.70 -31.10 29.32
N ARG A 160 -17.84 -30.81 30.28
CA ARG A 160 -17.69 -31.70 31.43
C ARG A 160 -18.73 -31.42 32.52
N GLY A 161 -19.60 -30.43 32.33
CA GLY A 161 -20.68 -30.24 33.28
C GLY A 161 -20.28 -29.64 34.60
N ILE A 162 -19.05 -29.13 34.73
CA ILE A 162 -18.69 -28.49 35.99
C ILE A 162 -19.30 -27.10 36.12
N VAL A 163 -19.73 -26.49 35.02
CA VAL A 163 -20.49 -25.23 35.04
C VAL A 163 -21.60 -25.33 34.01
N ASN A 164 -22.64 -24.53 34.21
CA ASN A 164 -23.66 -24.37 33.19
C ASN A 164 -23.59 -22.96 32.62
N GLU A 165 -24.38 -22.73 31.57
CA GLU A 165 -24.26 -21.51 30.79
C GLU A 165 -24.47 -20.25 31.62
N ASN A 166 -25.17 -20.36 32.75
CA ASN A 166 -25.50 -19.21 33.58
C ASN A 166 -24.87 -19.29 34.97
N THR A 167 -23.88 -20.16 35.15
CA THR A 167 -23.20 -20.24 36.44
C THR A 167 -22.56 -18.91 36.78
N VAL A 168 -22.67 -18.50 38.04
CA VAL A 168 -21.93 -17.36 38.57
C VAL A 168 -20.72 -17.90 39.33
N LEU A 169 -19.55 -17.35 39.04
CA LEU A 169 -18.29 -17.79 39.61
C LEU A 169 -17.76 -16.77 40.60
N ASN A 170 -17.26 -17.25 41.73
CA ASN A 170 -16.52 -16.39 42.65
C ASN A 170 -15.18 -16.08 42.01
N THR A 171 -14.96 -14.82 41.65
CA THR A 171 -13.72 -14.41 41.00
C THR A 171 -12.85 -13.54 41.90
N VAL A 172 -13.03 -13.67 43.21
CA VAL A 172 -12.23 -12.90 44.16
C VAL A 172 -10.78 -13.34 44.04
N PRO A 173 -9.86 -12.40 44.17
CA PRO A 173 -8.43 -12.74 44.06
C PRO A 173 -7.99 -13.71 45.13
N TYR A 174 -7.22 -14.72 44.74
CA TYR A 174 -6.74 -15.74 45.66
C TYR A 174 -5.33 -16.17 45.28
N ARG A 175 -4.57 -16.68 46.25
CA ARG A 175 -3.22 -17.15 45.99
C ARG A 175 -3.10 -18.64 46.26
N ILE A 176 -2.58 -19.37 45.30
CA ILE A 176 -2.41 -20.82 45.44
C ILE A 176 -0.94 -21.19 45.30
N ASN A 177 -0.44 -21.95 46.29
CA ASN A 177 0.94 -22.41 46.31
C ASN A 177 1.91 -21.24 46.19
N GLY A 178 1.59 -20.14 46.86
CA GLY A 178 2.40 -18.95 46.82
C GLY A 178 2.22 -18.05 45.62
N HIS A 179 1.59 -18.53 44.55
CA HIS A 179 1.41 -17.72 43.35
C HIS A 179 0.07 -17.00 43.41
N GLU A 180 0.08 -15.72 43.10
CA GLU A 180 -1.13 -14.93 43.12
C GLU A 180 -1.87 -15.08 41.80
N ILE A 181 -3.17 -15.36 41.88
CA ILE A 181 -4.05 -15.41 40.72
C ILE A 181 -4.97 -14.20 40.84
N LYS A 182 -4.91 -13.30 39.85
CA LYS A 182 -5.55 -12.00 39.95
C LYS A 182 -5.99 -11.50 38.58
N ASP A 183 -7.07 -10.73 38.56
CA ASP A 183 -7.53 -10.12 37.33
C ASP A 183 -7.03 -8.68 37.20
N VAL A 184 -7.11 -8.17 35.96
CA VAL A 184 -6.73 -6.78 35.69
C VAL A 184 -7.54 -5.83 36.57
N ALA A 185 -8.86 -5.99 36.56
CA ALA A 185 -9.73 -5.37 37.54
C ALA A 185 -10.24 -6.45 38.49
N ARG A 186 -10.60 -6.04 39.70
CA ARG A 186 -11.12 -6.97 40.68
C ARG A 186 -12.64 -7.01 40.59
N TYR A 187 -13.19 -8.23 40.65
CA TYR A 187 -14.62 -8.47 40.64
C TYR A 187 -14.88 -9.63 41.58
N SER A 188 -15.81 -9.45 42.51
CA SER A 188 -16.07 -10.51 43.48
C SER A 188 -16.73 -11.72 42.83
N GLU A 189 -17.45 -11.51 41.72
CA GLU A 189 -18.09 -12.65 41.07
C GLU A 189 -18.43 -12.26 39.63
N LEU A 190 -18.59 -13.27 38.78
CA LEU A 190 -18.79 -13.05 37.36
C LEU A 190 -19.59 -14.20 36.79
N THR A 191 -20.50 -13.90 35.87
CA THR A 191 -21.08 -14.97 35.08
C THR A 191 -20.02 -15.59 34.19
N LEU A 192 -20.35 -16.75 33.63
CA LEU A 192 -19.45 -17.37 32.68
C LEU A 192 -19.16 -16.43 31.53
N THR A 193 -20.19 -15.70 31.05
CA THR A 193 -19.98 -14.67 30.04
C THR A 193 -19.08 -13.57 30.59
N GLY A 194 -19.29 -13.15 31.83
CA GLY A 194 -18.40 -12.18 32.44
C GLY A 194 -16.95 -12.62 32.45
N VAL A 195 -16.70 -13.91 32.70
CA VAL A 195 -15.32 -14.39 32.76
C VAL A 195 -14.58 -14.08 31.46
N LEU A 196 -15.27 -14.22 30.32
CA LEU A 196 -14.62 -13.89 29.05
C LEU A 196 -14.64 -12.40 28.82
N GLN A 197 -15.79 -11.77 29.09
CA GLN A 197 -15.97 -10.33 28.90
C GLN A 197 -14.89 -9.52 29.63
N LYS A 198 -14.61 -9.87 30.87
CA LYS A 198 -13.57 -9.22 31.66
C LYS A 198 -12.22 -9.95 31.57
N SER A 199 -12.13 -11.05 30.82
CA SER A 199 -10.92 -11.87 30.79
C SER A 199 -10.41 -12.14 32.21
N SER A 200 -11.17 -12.93 32.96
CA SER A 200 -10.89 -13.22 34.37
C SER A 200 -9.94 -14.41 34.44
N ASN A 201 -8.65 -14.13 34.59
CA ASN A 201 -7.71 -15.19 34.97
C ASN A 201 -8.24 -16.00 36.12
N VAL A 202 -8.81 -15.32 37.12
CA VAL A 202 -9.33 -16.00 38.31
C VAL A 202 -10.38 -17.03 37.91
N GLY A 203 -11.34 -16.62 37.09
CA GLY A 203 -12.42 -17.52 36.73
C GLY A 203 -11.95 -18.73 35.94
N VAL A 204 -11.13 -18.50 34.90
CA VAL A 204 -10.68 -19.65 34.10
C VAL A 204 -9.77 -20.55 34.92
N SER A 205 -8.98 -19.99 35.84
CA SER A 205 -8.13 -20.84 36.67
C SER A 205 -8.95 -21.78 37.54
N LYS A 206 -10.12 -21.32 38.02
CA LYS A 206 -10.93 -22.20 38.84
C LYS A 206 -11.59 -23.29 38.02
N LEU A 207 -11.98 -22.98 36.77
CA LEU A 207 -12.47 -23.99 35.86
C LEU A 207 -11.39 -25.03 35.60
N ALA A 208 -10.18 -24.58 35.30
CA ALA A 208 -9.09 -25.51 35.03
C ALA A 208 -8.79 -26.39 36.22
N LEU A 209 -8.81 -25.82 37.43
CA LEU A 209 -8.41 -26.63 38.57
C LEU A 209 -9.44 -27.70 38.92
N ALA A 210 -10.67 -27.54 38.45
CA ALA A 210 -11.73 -28.52 38.67
C ALA A 210 -11.75 -29.60 37.62
N MET A 211 -10.81 -29.61 36.70
CA MET A 211 -10.71 -30.59 35.64
C MET A 211 -9.34 -31.25 35.66
N PRO A 212 -9.22 -32.46 35.11
CA PRO A 212 -7.88 -33.06 34.99
C PRO A 212 -7.00 -32.21 34.08
N SER A 213 -5.69 -32.31 34.29
CA SER A 213 -4.74 -31.53 33.51
C SER A 213 -4.86 -31.86 32.03
N SER A 214 -5.18 -33.11 31.71
CA SER A 214 -5.33 -33.54 30.32
C SER A 214 -6.50 -32.86 29.62
N ALA A 215 -7.51 -32.39 30.37
CA ALA A 215 -8.69 -31.80 29.75
C ALA A 215 -8.31 -30.68 28.80
N LEU A 216 -7.64 -29.63 29.30
CA LEU A 216 -7.32 -28.48 28.45
C LEU A 216 -6.24 -28.81 27.42
N VAL A 217 -5.27 -29.66 27.79
CA VAL A 217 -4.28 -30.12 26.83
C VAL A 217 -4.97 -30.72 25.61
N ASP A 218 -5.97 -31.56 25.84
CA ASP A 218 -6.68 -32.17 24.73
C ASP A 218 -7.44 -31.13 23.90
N THR A 219 -8.21 -30.26 24.55
CA THR A 219 -8.99 -29.29 23.77
C THR A 219 -8.08 -28.39 22.91
N TYR A 220 -7.01 -27.84 23.50
CA TYR A 220 -6.15 -26.95 22.73
C TYR A 220 -5.59 -27.66 21.51
N SER A 221 -5.22 -28.94 21.69
CA SER A 221 -4.71 -29.72 20.57
C SER A 221 -5.77 -29.95 19.52
N ARG A 222 -7.02 -30.23 19.92
CA ARG A 222 -8.08 -30.43 18.95
C ARG A 222 -8.32 -29.19 18.11
N PHE A 223 -8.08 -28.01 18.68
CA PHE A 223 -8.15 -26.78 17.89
C PHE A 223 -6.84 -26.48 17.18
N GLY A 224 -5.88 -27.40 17.27
CA GLY A 224 -4.68 -27.36 16.46
C GLY A 224 -3.43 -26.82 17.12
N LEU A 225 -3.49 -26.45 18.39
CA LEU A 225 -2.28 -25.94 19.02
C LEU A 225 -1.32 -27.09 19.21
N GLY A 226 -0.04 -26.83 18.99
CA GLY A 226 0.99 -27.85 19.00
C GLY A 226 1.05 -28.69 17.74
N LYS A 227 0.24 -28.38 16.73
CA LYS A 227 0.20 -29.17 15.52
C LYS A 227 0.78 -28.38 14.37
N ALA A 228 1.47 -29.08 13.47
CA ALA A 228 2.00 -28.47 12.26
C ALA A 228 0.87 -27.81 11.48
N THR A 229 1.17 -26.66 10.86
CA THR A 229 0.25 -25.94 10.00
C THR A 229 0.30 -26.39 8.55
N ASN A 230 1.42 -26.96 8.11
CA ASN A 230 1.50 -27.79 6.90
C ASN A 230 1.40 -26.99 5.60
N LEU A 231 1.75 -25.71 5.60
CA LEU A 231 1.70 -24.97 4.35
C LEU A 231 2.87 -25.30 3.42
N GLY A 232 3.90 -25.96 3.92
CA GLY A 232 5.08 -26.22 3.11
C GLY A 232 6.02 -25.05 2.98
N LEU A 233 5.77 -23.95 3.70
CA LEU A 233 6.58 -22.76 3.57
C LEU A 233 7.89 -22.89 4.35
N VAL A 234 8.94 -22.30 3.81
CA VAL A 234 10.25 -22.46 4.42
C VAL A 234 10.24 -21.74 5.76
N GLY A 235 10.68 -22.44 6.80
CA GLY A 235 10.72 -21.88 8.14
C GLY A 235 9.45 -22.00 8.93
N GLU A 236 8.41 -22.62 8.37
CA GLU A 236 7.16 -22.80 9.09
C GLU A 236 7.41 -23.50 10.41
N ARG A 237 6.84 -22.98 11.49
CA ARG A 237 7.09 -23.55 12.81
C ARG A 237 5.79 -24.05 13.45
N SER A 238 5.98 -24.94 14.43
CA SER A 238 4.90 -25.62 15.12
C SER A 238 4.77 -25.23 16.58
N GLY A 239 5.74 -24.55 17.16
CA GLY A 239 5.61 -23.99 18.49
C GLY A 239 6.18 -24.88 19.56
N LEU A 240 5.77 -24.58 20.79
CA LEU A 240 6.22 -25.30 21.98
C LEU A 240 4.97 -25.72 22.75
N TYR A 241 4.74 -27.02 22.85
CA TYR A 241 3.51 -27.51 23.46
C TYR A 241 3.82 -28.55 24.53
N PRO A 242 3.19 -28.47 25.70
CA PRO A 242 3.53 -29.37 26.82
C PRO A 242 3.25 -30.83 26.50
N GLN A 243 4.24 -31.67 26.79
CA GLN A 243 4.12 -33.12 26.76
C GLN A 243 4.28 -33.71 28.16
N LYS A 244 4.07 -32.90 29.20
CA LYS A 244 4.25 -33.33 30.57
C LYS A 244 3.19 -34.35 30.98
N GLN A 245 3.64 -35.40 31.64
CA GLN A 245 2.73 -36.30 32.34
C GLN A 245 2.20 -35.66 33.62
N ARG A 246 3.09 -35.05 34.42
CA ARG A 246 2.74 -34.49 35.71
C ARG A 246 2.65 -32.97 35.65
N TRP A 247 1.59 -32.44 36.22
CA TRP A 247 1.33 -31.00 36.22
C TRP A 247 1.19 -30.51 37.65
N SER A 248 1.88 -29.42 37.97
CA SER A 248 1.63 -28.76 39.24
C SER A 248 0.30 -28.00 39.18
N ASP A 249 -0.24 -27.68 40.35
CA ASP A 249 -1.49 -26.93 40.40
C ASP A 249 -1.33 -25.57 39.74
N ILE A 250 -0.17 -24.93 39.91
CA ILE A 250 0.03 -23.61 39.33
C ILE A 250 0.14 -23.72 37.81
N GLU A 251 0.80 -24.76 37.31
CA GLU A 251 0.86 -24.94 35.87
C GLU A 251 -0.53 -25.13 35.29
N ARG A 252 -1.34 -25.98 35.93
CA ARG A 252 -2.69 -26.24 35.45
C ARG A 252 -3.50 -24.94 35.38
N ALA A 253 -3.31 -24.05 36.36
CA ALA A 253 -4.05 -22.80 36.40
C ALA A 253 -3.59 -21.83 35.30
N THR A 254 -2.27 -21.63 35.16
CA THR A 254 -1.77 -20.64 34.20
C THR A 254 -1.97 -21.11 32.77
N PHE A 255 -2.02 -22.43 32.55
CA PHE A 255 -2.34 -22.95 31.22
C PHE A 255 -3.70 -22.47 30.75
N SER A 256 -4.63 -22.24 31.68
CA SER A 256 -5.98 -21.77 31.33
C SER A 256 -6.01 -20.30 30.92
N PHE A 257 -4.98 -19.52 31.25
CA PHE A 257 -4.87 -18.21 30.60
C PHE A 257 -3.59 -18.10 29.77
N GLY A 258 -3.19 -19.23 29.16
CA GLY A 258 -2.27 -19.18 28.04
C GLY A 258 -0.80 -19.15 28.37
N TYR A 259 -0.41 -19.47 29.60
CA TYR A 259 0.99 -19.71 29.93
C TYR A 259 1.38 -21.15 29.62
N GLY A 260 2.63 -21.35 29.22
CA GLY A 260 3.21 -22.69 29.12
C GLY A 260 3.15 -23.34 27.76
N LEU A 261 2.80 -22.59 26.72
CA LEU A 261 2.84 -23.07 25.34
C LEU A 261 3.11 -21.86 24.47
N MET A 262 3.60 -22.11 23.26
CA MET A 262 3.92 -21.03 22.36
C MET A 262 3.44 -21.38 20.96
N VAL A 263 2.72 -20.45 20.34
CA VAL A 263 2.00 -20.70 19.09
C VAL A 263 2.45 -19.67 18.07
N THR A 264 2.31 -20.02 16.79
CA THR A 264 2.46 -19.00 15.77
C THR A 264 1.14 -18.29 15.54
N PRO A 265 1.19 -17.09 14.98
CA PRO A 265 -0.05 -16.41 14.62
C PRO A 265 -0.93 -17.26 13.72
N LEU A 266 -0.31 -17.98 12.79
CA LEU A 266 -1.07 -18.87 11.91
C LEU A 266 -1.80 -19.94 12.71
N GLN A 267 -1.12 -20.58 13.66
CA GLN A 267 -1.80 -21.58 14.48
C GLN A 267 -3.01 -20.99 15.20
N LEU A 268 -2.83 -19.79 15.78
CA LEU A 268 -3.94 -19.13 16.47
C LEU A 268 -5.09 -18.85 15.53
N ALA A 269 -4.78 -18.50 14.27
CA ALA A 269 -5.86 -18.24 13.33
C ALA A 269 -6.67 -19.52 13.05
N ARG A 270 -5.98 -20.65 12.93
CA ARG A 270 -6.69 -21.92 12.74
C ARG A 270 -7.59 -22.24 13.94
N VAL A 271 -7.10 -22.03 15.17
CA VAL A 271 -7.97 -22.14 16.34
C VAL A 271 -9.26 -21.36 16.12
N TYR A 272 -9.13 -20.09 15.73
CA TYR A 272 -10.31 -19.24 15.65
C TYR A 272 -11.16 -19.55 14.44
N ALA A 273 -10.55 -20.02 13.35
CA ALA A 273 -11.34 -20.59 12.26
C ALA A 273 -12.14 -21.79 12.75
N THR A 274 -11.56 -22.59 13.64
CA THR A 274 -12.27 -23.76 14.17
C THR A 274 -13.36 -23.31 15.12
N ILE A 275 -13.14 -22.22 15.84
CA ILE A 275 -14.22 -21.64 16.63
C ILE A 275 -15.31 -21.12 15.69
N GLY A 276 -14.91 -20.47 14.60
CA GLY A 276 -15.88 -19.81 13.73
C GLY A 276 -16.83 -20.79 13.06
N SER A 277 -16.32 -21.97 12.68
CA SER A 277 -17.14 -23.04 12.10
C SER A 277 -17.94 -23.80 13.14
N TYR A 278 -17.90 -23.38 14.41
CA TYR A 278 -18.65 -24.09 15.45
C TYR A 278 -18.09 -25.51 15.68
N GLY A 279 -16.77 -25.65 15.67
CA GLY A 279 -16.13 -26.89 16.03
C GLY A 279 -15.69 -27.78 14.89
N ILE A 280 -15.61 -27.26 13.67
CA ILE A 280 -15.15 -28.07 12.55
C ILE A 280 -13.71 -27.66 12.24
N TYR A 281 -12.80 -28.63 12.37
CA TYR A 281 -11.38 -28.42 12.15
C TYR A 281 -11.05 -28.63 10.68
N ARG A 282 -10.43 -27.64 10.05
CA ARG A 282 -10.10 -27.71 8.63
C ARG A 282 -8.61 -27.43 8.41
N PRO A 283 -7.95 -28.22 7.57
CA PRO A 283 -6.57 -27.87 7.17
C PRO A 283 -6.51 -26.49 6.56
N LEU A 284 -5.42 -25.77 6.83
CA LEU A 284 -5.18 -24.50 6.19
C LEU A 284 -4.68 -24.70 4.77
N SER A 285 -4.90 -23.70 3.93
CA SER A 285 -4.46 -23.75 2.54
C SER A 285 -4.04 -22.36 2.09
N ILE A 286 -2.91 -22.26 1.39
CA ILE A 286 -2.53 -21.02 0.71
C ILE A 286 -2.76 -21.09 -0.79
N THR A 287 -3.30 -22.18 -1.29
CA THR A 287 -3.75 -22.25 -2.68
C THR A 287 -5.27 -22.21 -2.73
N LYS A 288 -5.80 -21.60 -3.80
CA LYS A 288 -7.23 -21.58 -3.98
C LYS A 288 -7.78 -23.00 -3.96
N VAL A 289 -8.81 -23.23 -3.15
CA VAL A 289 -9.41 -24.56 -3.02
C VAL A 289 -10.71 -24.56 -3.80
N ASP A 290 -11.05 -25.72 -4.36
CA ASP A 290 -12.36 -25.94 -4.93
C ASP A 290 -13.37 -26.09 -3.80
N PRO A 291 -14.29 -25.18 -3.70
CA PRO A 291 -14.88 -24.86 -2.43
C PRO A 291 -15.27 -25.81 -1.40
N PRO A 292 -15.92 -26.92 -1.68
CA PRO A 292 -16.29 -27.73 -0.52
C PRO A 292 -15.09 -28.35 0.17
N VAL A 293 -14.92 -27.97 1.43
CA VAL A 293 -13.91 -28.53 2.30
C VAL A 293 -14.60 -29.04 3.57
N PRO A 294 -14.93 -30.32 3.62
CA PRO A 294 -15.73 -30.81 4.76
C PRO A 294 -15.04 -30.68 6.11
N GLY A 295 -13.72 -30.88 6.19
CA GLY A 295 -13.09 -30.88 7.52
C GLY A 295 -13.70 -31.95 8.42
N GLU A 296 -13.28 -31.92 9.69
CA GLU A 296 -13.70 -32.91 10.68
C GLU A 296 -14.19 -32.21 11.95
N ARG A 297 -15.32 -32.67 12.49
CA ARG A 297 -15.83 -32.12 13.73
C ARG A 297 -14.93 -32.54 14.89
N VAL A 298 -14.50 -31.56 15.69
CA VAL A 298 -13.66 -31.85 16.85
C VAL A 298 -14.33 -31.49 18.16
N PHE A 299 -15.47 -30.79 18.14
CA PHE A 299 -16.08 -30.39 19.40
C PHE A 299 -17.57 -30.17 19.09
N PRO A 300 -18.47 -30.33 20.06
CA PRO A 300 -19.91 -30.22 19.74
C PRO A 300 -20.30 -28.82 19.27
N GLU A 301 -21.11 -28.77 18.20
CA GLU A 301 -21.52 -27.51 17.62
C GLU A 301 -22.22 -26.62 18.62
N SER A 302 -23.13 -27.18 19.41
CA SER A 302 -23.92 -26.34 20.30
C SER A 302 -23.05 -25.66 21.34
N LEU A 303 -22.03 -26.38 21.83
CA LEU A 303 -21.15 -25.84 22.85
C LEU A 303 -20.30 -24.70 22.29
N VAL A 304 -19.78 -24.85 21.07
CA VAL A 304 -18.98 -23.78 20.50
C VAL A 304 -19.86 -22.58 20.20
N ARG A 305 -21.02 -22.84 19.59
CA ARG A 305 -22.00 -21.80 19.34
C ARG A 305 -22.27 -21.00 20.61
N THR A 306 -22.52 -21.68 21.73
CA THR A 306 -22.76 -21.01 23.00
C THR A 306 -21.62 -20.08 23.39
N VAL A 307 -20.36 -20.53 23.23
CA VAL A 307 -19.22 -19.70 23.65
C VAL A 307 -18.96 -18.57 22.66
N VAL A 308 -19.25 -18.78 21.37
CA VAL A 308 -19.14 -17.70 20.41
C VAL A 308 -20.06 -16.54 20.79
N HIS A 309 -21.29 -16.86 21.19
CA HIS A 309 -22.20 -15.82 21.67
C HIS A 309 -21.64 -15.15 22.92
N MET A 310 -21.12 -15.94 23.85
CA MET A 310 -20.45 -15.35 25.00
C MET A 310 -19.35 -14.41 24.58
N MET A 311 -18.60 -14.76 23.53
CA MET A 311 -17.45 -13.96 23.12
C MET A 311 -17.88 -12.61 22.57
N GLU A 312 -19.14 -12.46 22.17
CA GLU A 312 -19.61 -11.18 21.68
C GLU A 312 -19.52 -10.12 22.77
N SER A 313 -19.70 -10.51 24.03
CA SER A 313 -19.57 -9.57 25.13
C SER A 313 -18.20 -8.88 25.14
N VAL A 314 -17.17 -9.50 24.58
CA VAL A 314 -15.83 -8.91 24.64
C VAL A 314 -15.78 -7.62 23.83
N ALA A 315 -16.64 -7.48 22.82
CA ALA A 315 -16.60 -6.31 21.95
C ALA A 315 -17.72 -5.33 22.25
N LEU A 316 -18.45 -5.53 23.37
CA LEU A 316 -19.57 -4.70 23.83
C LEU A 316 -19.18 -3.93 25.09
N PRO A 317 -19.82 -2.78 25.33
CA PRO A 317 -19.55 -2.03 26.57
C PRO A 317 -19.37 -2.95 27.76
N GLY A 318 -18.28 -2.74 28.52
CA GLY A 318 -17.90 -3.59 29.61
C GLY A 318 -16.87 -4.64 29.25
N GLY A 319 -16.67 -4.91 27.96
CA GLY A 319 -15.72 -5.91 27.52
C GLY A 319 -14.37 -5.31 27.16
N GLY A 320 -13.32 -6.10 27.35
CA GLY A 320 -11.98 -5.60 27.10
C GLY A 320 -11.69 -5.27 25.65
N GLY A 321 -12.46 -5.82 24.71
CA GLY A 321 -12.14 -5.53 23.32
C GLY A 321 -13.13 -4.58 22.65
N VAL A 322 -13.80 -3.73 23.44
CA VAL A 322 -14.81 -2.83 22.88
C VAL A 322 -14.24 -1.96 21.75
N LYS A 323 -12.93 -1.67 21.77
CA LYS A 323 -12.37 -0.85 20.70
C LYS A 323 -12.33 -1.56 19.35
N ALA A 324 -12.61 -2.85 19.29
CA ALA A 324 -12.70 -3.53 18.01
C ALA A 324 -14.10 -3.42 17.39
N ALA A 325 -15.07 -2.81 18.10
CA ALA A 325 -16.45 -2.79 17.62
C ALA A 325 -16.55 -2.24 16.19
N ILE A 326 -17.45 -2.85 15.41
CA ILE A 326 -17.72 -2.43 14.05
C ILE A 326 -19.22 -2.11 13.95
N LYS A 327 -19.55 -0.88 13.58
CA LYS A 327 -20.96 -0.52 13.46
C LYS A 327 -21.67 -1.43 12.46
N GLY A 328 -22.79 -1.99 12.88
CA GLY A 328 -23.61 -2.77 11.99
C GLY A 328 -23.35 -4.27 12.00
N TYR A 329 -22.28 -4.72 12.66
CA TYR A 329 -21.91 -6.13 12.66
C TYR A 329 -21.63 -6.62 14.07
N ARG A 330 -22.14 -7.81 14.37
CA ARG A 330 -21.77 -8.51 15.59
C ARG A 330 -20.41 -9.17 15.38
N ILE A 331 -19.56 -9.13 16.40
CA ILE A 331 -18.27 -9.82 16.34
C ILE A 331 -18.02 -10.56 17.66
N ALA A 332 -17.32 -11.69 17.55
CA ALA A 332 -17.05 -12.55 18.70
C ALA A 332 -15.55 -12.67 18.77
N ILE A 333 -14.94 -12.01 19.76
CA ILE A 333 -13.49 -11.86 19.82
C ILE A 333 -13.01 -12.19 21.22
N LYS A 334 -11.69 -12.27 21.34
CA LYS A 334 -11.00 -12.37 22.61
C LYS A 334 -9.72 -11.54 22.47
N THR A 335 -9.47 -10.66 23.43
CA THR A 335 -8.22 -9.94 23.44
C THR A 335 -7.17 -10.75 24.22
N GLY A 336 -5.94 -10.30 24.15
CA GLY A 336 -4.87 -10.99 24.85
C GLY A 336 -3.70 -10.04 25.06
N THR A 337 -2.99 -10.23 26.18
CA THR A 337 -1.75 -9.53 26.48
C THR A 337 -0.83 -10.51 27.17
N ALA A 338 0.34 -10.76 26.60
CA ALA A 338 1.27 -11.76 27.16
C ALA A 338 2.63 -11.12 27.38
N LYS A 339 3.19 -11.32 28.57
CA LYS A 339 4.59 -10.98 28.82
C LYS A 339 5.48 -11.74 27.85
N LYS A 340 6.45 -11.05 27.26
CA LYS A 340 7.39 -11.73 26.40
C LYS A 340 8.40 -12.47 27.26
N VAL A 341 8.91 -13.59 26.73
CA VAL A 341 10.03 -14.27 27.35
C VAL A 341 11.29 -13.68 26.75
N GLY A 342 12.17 -13.16 27.60
CA GLY A 342 13.40 -12.52 27.15
C GLY A 342 14.48 -13.53 26.80
N PRO A 343 15.62 -13.01 26.34
CA PRO A 343 16.73 -13.89 25.91
C PRO A 343 17.38 -14.70 27.04
N ASP A 344 17.12 -14.37 28.31
CA ASP A 344 17.64 -15.17 29.43
C ASP A 344 16.63 -16.17 29.95
N GLY A 345 15.51 -16.36 29.25
CA GLY A 345 14.55 -17.36 29.61
C GLY A 345 13.59 -16.94 30.70
N ARG A 346 13.52 -15.66 31.02
CA ARG A 346 12.60 -15.19 32.02
C ARG A 346 11.75 -14.08 31.42
N TYR A 347 10.61 -13.81 32.07
CA TYR A 347 9.73 -12.80 31.53
C TYR A 347 10.40 -11.43 31.62
N ILE A 348 10.04 -10.54 30.70
CA ILE A 348 10.60 -9.19 30.68
C ILE A 348 9.45 -8.22 30.44
N ASN A 349 9.76 -6.95 30.67
CA ASN A 349 8.84 -5.82 30.61
C ASN A 349 8.53 -5.46 29.17
N LYS A 350 8.14 -6.44 28.36
CA LYS A 350 7.76 -6.22 26.99
C LYS A 350 6.62 -7.17 26.70
N TYR A 351 5.78 -6.83 25.72
CA TYR A 351 4.50 -7.53 25.65
C TYR A 351 4.12 -7.87 24.22
N ILE A 352 3.28 -8.90 24.11
CA ILE A 352 2.57 -9.24 22.88
C ILE A 352 1.13 -8.79 23.05
N ALA A 353 0.64 -7.99 22.13
CA ALA A 353 -0.75 -7.52 22.16
C ALA A 353 -1.55 -8.29 21.10
N TYR A 354 -2.61 -8.97 21.56
CA TYR A 354 -3.42 -9.88 20.75
C TYR A 354 -4.84 -9.37 20.57
N THR A 355 -5.39 -9.61 19.39
CA THR A 355 -6.84 -9.71 19.29
C THR A 355 -7.18 -10.76 18.24
N ALA A 356 -7.98 -11.74 18.63
CA ALA A 356 -8.40 -12.82 17.74
C ALA A 356 -9.92 -12.89 17.74
N GLY A 357 -10.53 -13.24 16.60
CA GLY A 357 -11.97 -13.29 16.57
C GLY A 357 -12.52 -13.67 15.20
N VAL A 358 -13.85 -13.79 15.15
CA VAL A 358 -14.58 -14.24 13.97
C VAL A 358 -15.73 -13.27 13.75
N ALA A 359 -16.14 -13.12 12.49
CA ALA A 359 -17.26 -12.25 12.14
C ALA A 359 -17.87 -12.72 10.85
N PRO A 360 -19.16 -12.43 10.63
CA PRO A 360 -20.00 -11.84 11.66
C PRO A 360 -20.51 -12.90 12.65
N ALA A 361 -20.79 -12.50 13.88
CA ALA A 361 -21.01 -13.47 14.94
C ALA A 361 -22.29 -14.28 14.74
N SER A 362 -23.20 -13.81 13.91
CA SER A 362 -24.44 -14.54 13.69
C SER A 362 -24.19 -15.76 12.81
N HIS A 363 -23.19 -15.67 11.93
CA HIS A 363 -22.83 -16.72 10.99
C HIS A 363 -21.39 -16.49 10.54
N PRO A 364 -20.42 -16.87 11.35
CA PRO A 364 -19.04 -16.48 11.05
C PRO A 364 -18.60 -16.90 9.66
N ARG A 365 -17.94 -15.98 8.96
CA ARG A 365 -17.29 -16.25 7.69
C ARG A 365 -15.78 -16.14 7.76
N PHE A 366 -15.25 -15.30 8.64
CA PHE A 366 -13.84 -14.97 8.67
C PHE A 366 -13.29 -15.14 10.07
N ALA A 367 -12.09 -15.72 10.16
CA ALA A 367 -11.28 -15.71 11.36
C ALA A 367 -10.12 -14.75 11.15
N LEU A 368 -9.88 -13.89 12.12
CA LEU A 368 -8.79 -12.94 12.02
C LEU A 368 -7.99 -12.95 13.31
N VAL A 369 -6.68 -12.90 13.19
CA VAL A 369 -5.82 -12.66 14.35
C VAL A 369 -4.90 -11.50 14.03
N VAL A 370 -4.71 -10.64 15.02
CA VAL A 370 -3.80 -9.52 14.93
C VAL A 370 -2.84 -9.64 16.10
N VAL A 371 -1.55 -9.64 15.80
CA VAL A 371 -0.51 -9.88 16.78
C VAL A 371 0.50 -8.74 16.66
N ILE A 372 0.62 -7.92 17.70
CA ILE A 372 1.55 -6.80 17.70
C ILE A 372 2.60 -7.05 18.77
N ASN A 373 3.84 -7.13 18.33
CA ASN A 373 4.98 -7.61 19.12
C ASN A 373 5.74 -6.42 19.68
N ASP A 374 5.66 -6.24 21.00
CA ASP A 374 6.44 -5.25 21.73
C ASP A 374 6.07 -3.83 21.32
N PRO A 375 4.83 -3.41 21.55
CA PRO A 375 4.48 -2.01 21.32
C PRO A 375 5.12 -1.15 22.40
N GLN A 376 5.63 0.01 22.00
CA GLN A 376 6.44 0.83 22.89
C GLN A 376 6.03 2.29 22.85
N ALA A 377 4.77 2.58 22.53
CA ALA A 377 4.33 3.96 22.47
C ALA A 377 3.39 4.31 23.64
N GLY A 378 3.50 3.57 24.75
CA GLY A 378 2.77 3.86 25.96
C GLY A 378 1.61 2.92 26.24
N LYS A 379 1.16 2.16 25.26
CA LYS A 379 0.11 1.17 25.49
C LYS A 379 0.62 -0.19 25.06
N TYR A 380 0.13 -1.25 25.73
CA TYR A 380 0.52 -2.59 25.32
C TYR A 380 -0.58 -3.64 25.45
N TYR A 381 -1.65 -3.34 26.19
CA TYR A 381 -2.71 -4.34 26.31
C TYR A 381 -3.36 -4.60 24.96
N GLY A 382 -3.72 -5.87 24.74
CA GLY A 382 -4.37 -6.26 23.50
C GLY A 382 -5.55 -5.37 23.16
N GLY A 383 -6.37 -5.03 24.17
CA GLY A 383 -7.57 -4.25 23.91
C GLY A 383 -7.26 -2.83 23.49
N ALA A 384 -6.11 -2.30 23.92
CA ALA A 384 -5.76 -0.93 23.56
C ALA A 384 -4.98 -0.88 22.26
N VAL A 385 -4.19 -1.92 21.98
CA VAL A 385 -3.25 -1.89 20.86
C VAL A 385 -3.79 -2.65 19.66
N SER A 386 -4.18 -3.90 19.84
CA SER A 386 -4.58 -4.74 18.72
C SER A 386 -6.06 -4.61 18.38
N ALA A 387 -6.90 -4.31 19.38
CA ALA A 387 -8.34 -4.33 19.15
C ALA A 387 -8.76 -3.30 18.12
N PRO A 388 -8.29 -2.04 18.16
CA PRO A 388 -8.70 -1.10 17.09
C PRO A 388 -8.26 -1.58 15.72
N VAL A 389 -7.11 -2.26 15.67
CA VAL A 389 -6.63 -2.79 14.39
C VAL A 389 -7.52 -3.92 13.91
N PHE A 390 -7.92 -4.81 14.82
CA PHE A 390 -8.85 -5.87 14.45
C PHE A 390 -10.11 -5.27 13.85
N GLY A 391 -10.65 -4.25 14.52
CA GLY A 391 -11.89 -3.63 14.06
C GLY A 391 -11.77 -3.00 12.68
N ALA A 392 -10.71 -2.22 12.47
CA ALA A 392 -10.54 -1.57 11.18
C ALA A 392 -10.37 -2.61 10.07
N ILE A 393 -9.55 -3.64 10.32
CA ILE A 393 -9.34 -4.67 9.31
C ILE A 393 -10.65 -5.40 9.01
N MET A 394 -11.29 -5.93 10.06
CA MET A 394 -12.46 -6.78 9.82
C MET A 394 -13.60 -5.98 9.22
N GLY A 395 -13.79 -4.74 9.66
CA GLY A 395 -14.78 -3.89 9.00
C GLY A 395 -14.46 -3.73 7.53
N GLY A 396 -13.20 -3.48 7.20
CA GLY A 396 -12.80 -3.51 5.80
C GLY A 396 -13.10 -4.83 5.10
N VAL A 397 -12.85 -5.95 5.79
CA VAL A 397 -13.10 -7.27 5.17
C VAL A 397 -14.60 -7.44 4.90
N LEU A 398 -15.42 -7.16 5.90
CA LEU A 398 -16.85 -7.42 5.74
C LEU A 398 -17.44 -6.59 4.60
N ARG A 399 -17.06 -5.30 4.51
CA ARG A 399 -17.54 -4.45 3.43
C ARG A 399 -17.03 -4.95 2.08
N THR A 400 -15.72 -5.23 1.98
CA THR A 400 -15.14 -5.67 0.71
C THR A 400 -15.79 -6.95 0.22
N MET A 401 -16.17 -7.85 1.13
CA MET A 401 -16.79 -9.11 0.76
C MET A 401 -18.32 -9.02 0.71
N ASN A 402 -18.89 -7.83 0.90
CA ASN A 402 -20.34 -7.60 0.76
C ASN A 402 -21.13 -8.46 1.73
N ILE A 403 -20.69 -8.50 2.99
CA ILE A 403 -21.41 -9.22 4.02
C ILE A 403 -22.55 -8.35 4.53
N GLU A 404 -23.76 -8.89 4.50
CA GLU A 404 -24.91 -8.17 5.00
C GLU A 404 -24.73 -7.82 6.48
N PRO A 405 -24.89 -6.56 6.86
CA PRO A 405 -24.84 -6.21 8.28
C PRO A 405 -25.73 -7.11 9.13
N ASP A 406 -25.20 -7.48 10.28
CA ASP A 406 -25.91 -8.35 11.22
C ASP A 406 -26.41 -7.61 12.44
N ALA A 407 -25.91 -6.40 12.65
CA ALA A 407 -26.33 -5.61 13.79
C ALA A 407 -27.80 -5.28 13.65
N LEU A 408 -28.53 -5.37 14.75
CA LEU A 408 -29.94 -5.07 14.74
C LEU A 408 -30.15 -3.79 15.54
N ALA A 409 -30.78 -2.80 14.91
CA ALA A 409 -31.01 -1.55 15.59
C ALA A 409 -31.72 -1.82 16.89
N THR A 410 -31.33 -1.09 17.92
CA THR A 410 -32.04 -1.08 19.17
C THR A 410 -32.32 0.39 19.47
N SER B 3 -7.32 18.62 19.37
CA SER B 3 -8.25 19.52 18.69
C SER B 3 -7.69 20.00 17.36
N ARG B 4 -6.77 19.22 16.79
CA ARG B 4 -6.15 19.57 15.53
C ARG B 4 -7.04 19.18 14.35
N GLY B 5 -7.06 20.04 13.32
CA GLY B 5 -7.88 19.78 12.14
C GLY B 5 -7.48 18.48 11.48
N MET B 6 -8.48 17.74 10.99
CA MET B 6 -8.25 16.46 10.33
C MET B 6 -8.09 16.65 8.82
N ILE B 7 -7.01 16.09 8.27
CA ILE B 7 -6.74 16.19 6.85
C ILE B 7 -7.40 15.01 6.14
N THR B 8 -8.20 15.30 5.11
CA THR B 8 -8.89 14.23 4.38
C THR B 8 -8.60 14.36 2.89
N ASP B 9 -8.86 13.28 2.15
CA ASP B 9 -8.82 13.38 0.70
C ASP B 9 -10.10 14.08 0.23
N ARG B 10 -10.27 14.17 -1.09
CA ARG B 10 -11.35 14.99 -1.68
C ARG B 10 -12.74 14.43 -1.38
N SER B 11 -12.83 13.19 -0.89
CA SER B 11 -14.11 12.59 -0.53
C SER B 11 -14.23 12.40 0.98
N GLY B 12 -13.34 13.03 1.74
CA GLY B 12 -13.40 12.90 3.19
C GLY B 12 -12.67 11.71 3.76
N ARG B 13 -11.97 10.94 2.96
CA ARG B 13 -11.22 9.81 3.54
C ARG B 13 -10.11 10.36 4.43
N PRO B 14 -10.00 9.94 5.69
CA PRO B 14 -9.02 10.56 6.59
C PRO B 14 -7.59 10.24 6.17
N LEU B 15 -6.78 11.28 5.99
CA LEU B 15 -5.37 11.14 5.67
C LEU B 15 -4.45 11.56 6.80
N ALA B 16 -4.94 12.34 7.75
CA ALA B 16 -4.19 12.68 8.95
C ALA B 16 -5.22 13.04 10.01
N VAL B 17 -5.15 12.40 11.18
CA VAL B 17 -6.19 12.54 12.19
C VAL B 17 -5.54 12.48 13.56
N SER B 18 -6.03 13.30 14.48
CA SER B 18 -5.53 13.27 15.85
C SER B 18 -6.24 12.18 16.64
N VAL B 19 -5.45 11.37 17.35
CA VAL B 19 -5.97 10.24 18.11
C VAL B 19 -5.70 10.53 19.58
N PRO B 20 -6.65 10.25 20.46
CA PRO B 20 -6.46 10.57 21.88
C PRO B 20 -5.66 9.49 22.61
N SER B 26 -2.61 13.50 23.02
CA SER B 26 -3.17 13.20 21.71
C SER B 26 -2.05 13.10 20.66
N ARG B 27 -2.23 12.21 19.66
CA ARG B 27 -1.21 11.86 18.68
C ARG B 27 -1.78 11.87 17.27
N ARG B 28 -1.02 12.39 16.30
CA ARG B 28 -1.44 12.25 14.90
C ARG B 28 -1.24 10.83 14.40
N TYR B 29 -2.23 10.35 13.65
CA TYR B 29 -2.17 9.09 12.94
C TYR B 29 -2.39 9.34 11.46
N TYR B 30 -1.64 8.67 10.61
CA TYR B 30 -1.76 8.85 9.15
C TYR B 30 -2.26 7.57 8.51
N PRO B 31 -3.56 7.47 8.20
CA PRO B 31 -4.12 6.18 7.76
C PRO B 31 -3.52 5.63 6.48
N SER B 32 -3.04 6.47 5.56
CA SER B 32 -2.45 5.89 4.37
C SER B 32 -0.94 5.75 4.50
N GLY B 33 -0.39 6.14 5.66
CA GLY B 33 1.02 5.96 5.93
C GLY B 33 1.90 6.45 4.81
N GLU B 34 2.73 5.57 4.24
CA GLU B 34 3.75 6.07 3.31
C GLU B 34 3.19 6.40 1.93
N VAL B 35 1.98 5.95 1.61
CA VAL B 35 1.31 6.28 0.35
C VAL B 35 1.24 7.79 0.13
N THR B 36 0.95 8.56 1.17
CA THR B 36 0.75 10.00 0.98
C THR B 36 1.69 10.80 1.87
N ALA B 37 2.86 10.23 2.23
CA ALA B 37 3.70 10.81 3.28
C ALA B 37 4.30 12.15 2.89
N HIS B 38 4.81 12.28 1.66
CA HIS B 38 5.50 13.51 1.31
C HIS B 38 4.55 14.70 1.26
N LEU B 39 3.34 14.48 0.75
CA LEU B 39 2.38 15.57 0.68
C LEU B 39 1.86 15.92 2.06
N ILE B 40 1.50 14.92 2.86
CA ILE B 40 0.83 15.22 4.12
C ILE B 40 1.83 15.78 5.13
N GLY B 41 3.06 15.25 5.16
CA GLY B 41 4.02 15.72 6.15
C GLY B 41 3.74 15.14 7.53
N PHE B 42 4.13 15.87 8.57
CA PHE B 42 3.95 15.34 9.93
C PHE B 42 4.19 16.47 10.93
N THR B 43 4.04 16.14 12.21
CA THR B 43 4.07 17.12 13.29
C THR B 43 5.09 16.76 14.35
N ASN B 44 5.42 17.77 15.18
CA ASN B 44 6.24 17.63 16.39
C ASN B 44 5.58 16.74 17.42
N VAL B 45 6.29 16.55 18.54
CA VAL B 45 5.62 16.11 19.75
C VAL B 45 4.71 17.22 20.28
N ASP B 46 5.00 18.47 19.93
CA ASP B 46 4.08 19.57 20.24
C ASP B 46 2.89 19.60 19.30
N SER B 47 2.74 18.61 18.44
CA SER B 47 1.69 18.56 17.44
C SER B 47 1.69 19.82 16.55
N GLN B 48 2.85 20.51 16.49
CA GLN B 48 3.09 21.53 15.47
C GLN B 48 3.49 20.86 14.16
N GLY B 49 2.99 21.40 13.04
CA GLY B 49 3.34 20.84 11.74
C GLY B 49 4.73 21.29 11.32
N ILE B 50 5.53 20.34 10.82
CA ILE B 50 6.92 20.66 10.45
C ILE B 50 7.27 20.15 9.07
N GLU B 51 6.36 19.43 8.42
CA GLU B 51 6.52 19.07 7.02
C GLU B 51 5.17 19.08 6.32
N GLY B 52 5.20 19.35 5.01
CA GLY B 52 4.06 19.07 4.16
C GLY B 52 2.85 19.94 4.47
N VAL B 53 1.68 19.41 4.12
CA VAL B 53 0.44 20.10 4.41
C VAL B 53 0.31 20.36 5.92
N GLU B 54 0.80 19.43 6.74
CA GLU B 54 0.75 19.67 8.18
C GLU B 54 1.42 20.99 8.55
N LYS B 55 2.44 21.39 7.80
CA LYS B 55 3.13 22.65 8.08
C LYS B 55 2.46 23.82 7.36
N SER B 56 2.20 23.66 6.06
CA SER B 56 1.72 24.79 5.28
C SER B 56 0.32 25.23 5.73
N PHE B 57 -0.47 24.32 6.30
CA PHE B 57 -1.79 24.67 6.82
C PHE B 57 -1.86 24.57 8.34
N ASP B 58 -0.73 24.77 9.03
CA ASP B 58 -0.73 24.58 10.47
C ASP B 58 -1.63 25.59 11.17
N LYS B 59 -1.57 26.87 10.76
CA LYS B 59 -2.42 27.86 11.43
C LYS B 59 -3.89 27.48 11.31
N TRP B 60 -4.30 27.02 10.13
CA TRP B 60 -5.69 26.61 9.93
C TRP B 60 -6.02 25.36 10.72
N LEU B 61 -5.08 24.43 10.73
CA LEU B 61 -5.21 23.15 11.42
C LEU B 61 -5.43 23.40 12.90
N THR B 62 -4.79 24.45 13.42
CA THR B 62 -4.91 24.81 14.83
C THR B 62 -6.26 25.47 15.15
N GLY B 63 -7.03 25.79 14.10
CA GLY B 63 -8.33 26.42 14.27
C GLY B 63 -8.26 27.92 14.45
N GLN B 64 -7.07 28.49 14.28
CA GLN B 64 -6.88 29.94 14.43
C GLN B 64 -7.68 30.71 13.39
N GLY B 65 -7.70 30.19 12.16
CA GLY B 65 -8.43 30.82 11.08
C GLY B 65 -9.94 30.75 11.27
N ALA B 69 -15.14 23.76 13.68
CA ALA B 69 -14.46 22.81 12.80
C ALA B 69 -13.51 23.52 11.83
N HIS B 70 -12.31 22.95 11.71
CA HIS B 70 -11.24 23.48 10.88
C HIS B 70 -10.46 22.29 10.33
N ASN B 71 -11.12 21.49 9.50
CA ASN B 71 -10.47 20.40 8.79
C ASN B 71 -10.02 20.89 7.41
N LEU B 72 -9.52 19.97 6.60
CA LEU B 72 -8.87 20.34 5.35
C LEU B 72 -9.08 19.20 4.35
N ALA B 73 -9.88 19.44 3.32
CA ALA B 73 -10.12 18.43 2.29
C ALA B 73 -9.16 18.70 1.13
N LEU B 74 -8.18 17.80 0.95
CA LEU B 74 -7.26 17.95 -0.16
C LEU B 74 -7.94 17.60 -1.49
N SER B 75 -7.31 18.01 -2.59
CA SER B 75 -7.74 17.58 -3.92
C SER B 75 -7.45 16.11 -4.20
N ILE B 76 -6.50 15.52 -3.46
CA ILE B 76 -6.12 14.12 -3.60
C ILE B 76 -7.34 13.21 -3.54
N ASP B 77 -7.36 12.22 -4.44
CA ASP B 77 -8.26 11.07 -4.34
C ASP B 77 -7.39 9.91 -3.85
N GLU B 78 -7.65 9.44 -2.63
CA GLU B 78 -6.79 8.42 -2.04
C GLU B 78 -6.71 7.17 -2.92
N ARG B 79 -7.80 6.82 -3.61
CA ARG B 79 -7.77 5.65 -4.49
C ARG B 79 -6.70 5.83 -5.56
N LEU B 80 -6.69 7.01 -6.19
CA LEU B 80 -5.72 7.29 -7.24
C LEU B 80 -4.32 7.42 -6.66
N GLN B 81 -4.18 8.09 -5.52
CA GLN B 81 -2.89 8.17 -4.83
C GLN B 81 -2.31 6.78 -4.57
N ALA B 82 -3.15 5.86 -4.08
CA ALA B 82 -2.66 4.53 -3.76
C ALA B 82 -2.21 3.78 -5.01
N LEU B 83 -3.00 3.83 -6.09
CA LEU B 83 -2.57 3.04 -7.26
C LEU B 83 -1.38 3.70 -7.94
N VAL B 84 -1.28 5.04 -7.89
CA VAL B 84 -0.08 5.73 -8.37
C VAL B 84 1.14 5.27 -7.57
N TYR B 85 1.07 5.36 -6.24
CA TYR B 85 2.22 4.98 -5.42
C TYR B 85 2.61 3.52 -5.67
N ARG B 86 1.63 2.63 -5.76
CA ARG B 86 1.92 1.22 -5.93
C ARG B 86 2.76 0.98 -7.18
N GLU B 87 2.31 1.52 -8.33
CA GLU B 87 3.08 1.34 -9.55
C GLU B 87 4.43 2.05 -9.46
N LEU B 88 4.44 3.28 -8.96
CA LEU B 88 5.67 4.07 -8.92
C LEU B 88 6.71 3.43 -7.99
N ASN B 89 6.32 3.15 -6.76
CA ASN B 89 7.26 2.60 -5.79
C ASN B 89 7.86 1.28 -6.29
N ASN B 90 7.03 0.41 -6.88
CA ASN B 90 7.57 -0.87 -7.31
C ASN B 90 8.38 -0.76 -8.59
N ALA B 91 8.12 0.24 -9.43
CA ALA B 91 9.01 0.47 -10.57
C ALA B 91 10.36 1.02 -10.12
N VAL B 92 10.38 1.81 -9.04
CA VAL B 92 11.64 2.36 -8.58
C VAL B 92 12.51 1.25 -8.02
N ALA B 93 11.92 0.35 -7.23
CA ALA B 93 12.60 -0.85 -6.74
C ALA B 93 13.09 -1.73 -7.89
N PHE B 94 12.16 -2.17 -8.75
CA PHE B 94 12.50 -3.09 -9.83
C PHE B 94 13.63 -2.53 -10.70
N ASN B 95 13.68 -1.21 -10.89
CA ASN B 95 14.72 -0.59 -11.72
C ASN B 95 15.96 -0.16 -10.93
N LYS B 96 16.04 -0.46 -9.63
CA LYS B 96 17.20 -0.05 -8.83
C LYS B 96 17.49 1.43 -9.01
N ALA B 97 16.41 2.23 -9.05
CA ALA B 97 16.52 3.66 -9.29
C ALA B 97 16.78 4.41 -7.98
N GLU B 98 17.38 5.60 -8.11
CA GLU B 98 17.53 6.45 -6.95
C GLU B 98 16.17 6.89 -6.42
N SER B 99 15.24 7.24 -7.30
CA SER B 99 13.96 7.73 -6.84
C SER B 99 13.00 7.76 -8.01
N GLY B 100 11.74 8.05 -7.68
CA GLY B 100 10.73 8.31 -8.69
C GLY B 100 9.69 9.27 -8.16
N SER B 101 9.07 10.00 -9.07
CA SER B 101 7.97 10.91 -8.74
C SER B 101 6.87 10.74 -9.76
N ALA B 102 5.62 10.85 -9.31
CA ALA B 102 4.47 10.77 -10.21
C ALA B 102 3.43 11.80 -9.78
N VAL B 103 2.91 12.57 -10.72
CA VAL B 103 1.92 13.59 -10.42
C VAL B 103 0.78 13.45 -11.42
N LEU B 104 -0.44 13.40 -10.90
CA LEU B 104 -1.66 13.33 -11.71
C LEU B 104 -2.49 14.58 -11.48
N VAL B 105 -2.89 15.24 -12.56
CA VAL B 105 -3.64 16.49 -12.44
C VAL B 105 -4.95 16.41 -13.24
N ASP B 106 -6.02 16.90 -12.65
CA ASP B 106 -7.29 17.03 -13.35
C ASP B 106 -7.18 18.18 -14.36
N VAL B 107 -7.33 17.87 -15.66
CA VAL B 107 -7.03 18.91 -16.65
C VAL B 107 -8.11 19.97 -16.68
N ASN B 108 -9.28 19.69 -16.12
CA ASN B 108 -10.36 20.66 -16.13
C ASN B 108 -10.31 21.62 -14.95
N THR B 109 -9.72 21.17 -13.84
CA THR B 109 -9.76 21.93 -12.59
C THR B 109 -8.42 22.37 -12.09
N GLY B 110 -7.32 21.81 -12.56
CA GLY B 110 -6.03 22.09 -11.97
C GLY B 110 -5.75 21.38 -10.66
N GLU B 111 -6.67 20.54 -10.19
CA GLU B 111 -6.49 19.83 -8.93
C GLU B 111 -5.43 18.74 -9.07
N VAL B 112 -4.55 18.66 -8.07
CA VAL B 112 -3.60 17.55 -7.97
C VAL B 112 -4.37 16.34 -7.43
N LEU B 113 -4.66 15.38 -8.30
CA LEU B 113 -5.38 14.19 -7.86
C LEU B 113 -4.44 13.16 -7.21
N ALA B 114 -3.16 13.19 -7.55
CA ALA B 114 -2.19 12.33 -6.88
C ALA B 114 -0.81 12.95 -7.00
N MET B 115 0.00 12.76 -5.96
CA MET B 115 1.37 13.28 -5.91
C MET B 115 2.17 12.28 -5.08
N ALA B 116 2.94 11.43 -5.74
CA ALA B 116 3.63 10.34 -5.04
C ALA B 116 5.12 10.38 -5.35
N ASN B 117 5.91 9.89 -4.40
CA ASN B 117 7.35 9.73 -4.58
C ASN B 117 7.79 8.39 -4.01
N SER B 118 8.88 7.86 -4.56
CA SER B 118 9.57 6.70 -4.02
C SER B 118 11.07 6.98 -4.03
N PRO B 119 11.78 6.69 -2.92
CA PRO B 119 11.28 6.06 -1.71
C PRO B 119 10.43 7.00 -0.85
N SER B 120 9.54 6.39 -0.09
CA SER B 120 8.75 7.07 0.90
C SER B 120 9.13 6.52 2.28
N TYR B 121 8.34 6.86 3.28
CA TYR B 121 8.61 6.49 4.67
C TYR B 121 7.27 6.48 5.39
N ASN B 122 7.26 5.91 6.58
CA ASN B 122 6.00 5.88 7.32
C ASN B 122 5.94 7.06 8.29
N PRO B 123 5.08 8.06 8.05
CA PRO B 123 4.99 9.20 8.96
C PRO B 123 4.43 8.85 10.32
N ASN B 124 3.86 7.66 10.48
CA ASN B 124 3.45 7.19 11.79
C ASN B 124 4.64 6.88 12.70
N ASN B 125 5.84 6.79 12.13
CA ASN B 125 7.04 6.59 12.93
C ASN B 125 8.24 6.95 12.07
N PHE B 126 8.57 8.22 11.99
CA PHE B 126 9.55 8.70 11.01
C PHE B 126 10.90 8.97 11.62
N ALA B 127 11.04 8.79 12.94
CA ALA B 127 12.24 9.26 13.64
C ALA B 127 13.52 8.70 13.01
N GLY B 128 13.47 7.49 12.49
CA GLY B 128 14.66 6.85 11.95
C GLY B 128 14.88 7.05 10.47
N THR B 129 13.90 7.61 9.79
CA THR B 129 13.98 7.76 8.34
C THR B 129 15.06 8.75 7.95
N ALA B 130 15.78 8.42 6.87
CA ALA B 130 16.79 9.31 6.34
C ALA B 130 16.17 10.66 5.96
N LYS B 131 16.82 11.74 6.39
CA LYS B 131 16.33 13.09 6.10
C LYS B 131 15.99 13.26 4.61
N ASP B 132 16.95 12.97 3.73
CA ASP B 132 16.68 13.16 2.29
C ASP B 132 15.48 12.37 1.79
N THR B 133 15.12 11.28 2.46
CA THR B 133 13.95 10.54 2.05
C THR B 133 12.65 11.26 2.38
N MET B 134 12.68 12.07 3.44
CA MET B 134 11.53 12.83 3.90
C MET B 134 11.07 13.92 2.94
N ARG B 135 12.02 14.64 2.36
CA ARG B 135 11.71 15.73 1.45
C ARG B 135 11.01 15.24 0.19
N ASN B 136 9.99 15.97 -0.23
CA ASN B 136 9.25 15.63 -1.44
C ASN B 136 10.13 15.91 -2.64
N ARG B 137 10.06 15.04 -3.64
CA ARG B 137 10.86 15.24 -4.86
C ARG B 137 10.04 15.79 -6.01
N ALA B 138 8.72 15.55 -6.00
CA ALA B 138 7.87 16.06 -7.06
C ALA B 138 7.82 17.60 -7.10
N ILE B 139 8.15 18.28 -5.99
CA ILE B 139 8.16 19.75 -5.96
C ILE B 139 9.52 20.34 -5.66
N THR B 140 10.52 19.53 -5.30
CA THR B 140 11.86 20.02 -5.01
C THR B 140 12.91 19.55 -5.99
N ASP B 141 12.78 18.34 -6.56
CA ASP B 141 13.72 17.87 -7.56
C ASP B 141 13.55 18.67 -8.86
N VAL B 142 14.66 19.08 -9.46
CA VAL B 142 14.63 19.77 -10.74
C VAL B 142 15.52 19.01 -11.71
N PHE B 143 14.95 18.63 -12.84
CA PHE B 143 15.67 17.92 -13.89
C PHE B 143 15.40 18.63 -15.21
N GLU B 144 16.34 18.47 -16.14
CA GLU B 144 16.12 18.98 -17.49
C GLU B 144 15.00 18.16 -18.12
N PRO B 145 14.01 18.80 -18.76
CA PRO B 145 12.81 18.06 -19.19
C PRO B 145 13.02 17.23 -20.45
N GLY B 146 14.12 17.40 -21.17
CA GLY B 146 14.35 16.55 -22.32
C GLY B 146 13.28 16.68 -23.38
N SER B 147 12.83 15.53 -23.89
CA SER B 147 11.99 15.55 -25.08
C SER B 147 10.53 15.85 -24.78
N THR B 148 10.17 15.94 -23.51
CA THR B 148 8.80 16.27 -23.19
C THR B 148 8.43 17.68 -23.65
N VAL B 149 9.39 18.49 -24.08
CA VAL B 149 9.08 19.83 -24.57
C VAL B 149 8.71 19.85 -26.05
N LYS B 150 8.97 18.77 -26.79
CA LYS B 150 8.78 18.82 -28.23
C LYS B 150 7.34 19.11 -28.66
N PRO B 151 6.30 18.74 -27.91
CA PRO B 151 4.95 19.13 -28.33
C PRO B 151 4.80 20.63 -28.34
N MET B 152 5.49 21.34 -27.45
CA MET B 152 5.45 22.79 -27.42
C MET B 152 6.24 23.38 -28.58
N VAL B 153 7.34 22.72 -28.98
CA VAL B 153 8.06 23.13 -30.18
C VAL B 153 7.13 23.09 -31.39
N VAL B 154 6.40 21.99 -31.57
CA VAL B 154 5.57 21.81 -32.75
C VAL B 154 4.43 22.83 -32.78
N MET B 155 3.89 23.13 -31.60
CA MET B 155 2.82 24.11 -31.49
C MET B 155 3.31 25.48 -31.91
N THR B 156 4.51 25.83 -31.48
CA THR B 156 5.09 27.11 -31.80
C THR B 156 5.29 27.24 -33.30
N ALA B 157 5.95 26.24 -33.90
CA ALA B 157 6.25 26.31 -35.33
C ALA B 157 4.98 26.44 -36.15
N LEU B 158 3.94 25.68 -35.78
CA LEU B 158 2.67 25.81 -36.49
C LEU B 158 2.09 27.21 -36.32
N GLN B 159 2.00 27.68 -35.07
CA GLN B 159 1.41 28.99 -34.83
C GLN B 159 2.07 30.05 -35.70
N ARG B 160 3.40 30.03 -35.76
CA ARG B 160 4.17 30.97 -36.55
C ARG B 160 4.20 30.62 -38.03
N GLY B 161 3.36 29.66 -38.44
CA GLY B 161 3.20 29.34 -39.85
C GLY B 161 4.47 28.91 -40.55
N ILE B 162 5.53 28.59 -39.81
CA ILE B 162 6.76 28.19 -40.50
C ILE B 162 6.63 26.77 -41.05
N VAL B 163 5.70 25.98 -40.52
CA VAL B 163 5.37 24.67 -41.06
C VAL B 163 3.86 24.53 -41.09
N ASN B 164 3.41 23.50 -41.79
CA ASN B 164 2.02 23.24 -42.06
C ASN B 164 1.73 21.86 -41.50
N GLU B 165 0.45 21.45 -41.52
CA GLU B 165 0.07 20.39 -40.61
C GLU B 165 0.77 19.11 -41.05
N ASN B 166 0.92 18.95 -42.37
CA ASN B 166 1.46 17.79 -43.07
C ASN B 166 2.85 18.06 -43.65
N THR B 167 3.53 19.11 -43.19
CA THR B 167 4.87 19.38 -43.69
C THR B 167 5.79 18.19 -43.45
N VAL B 168 6.60 17.87 -44.46
CA VAL B 168 7.64 16.86 -44.34
C VAL B 168 8.97 17.57 -44.16
N LEU B 169 9.71 17.18 -43.13
CA LEU B 169 10.95 17.82 -42.73
C LEU B 169 12.12 16.95 -43.15
N ASN B 170 13.21 17.54 -43.57
CA ASN B 170 14.37 16.72 -43.83
C ASN B 170 15.01 16.50 -42.48
N THR B 171 15.34 15.25 -42.14
CA THR B 171 15.80 15.00 -40.78
C THR B 171 17.19 14.39 -40.72
N VAL B 172 17.94 14.45 -41.82
CA VAL B 172 19.33 13.94 -41.83
C VAL B 172 20.14 14.70 -40.78
N PRO B 173 21.06 14.06 -40.06
CA PRO B 173 21.82 14.77 -39.04
C PRO B 173 22.72 15.84 -39.66
N TYR B 174 23.30 16.67 -38.79
CA TYR B 174 24.10 17.81 -39.20
C TYR B 174 24.77 18.37 -37.94
N ARG B 175 25.53 19.46 -38.10
CA ARG B 175 26.20 20.09 -36.98
C ARG B 175 25.97 21.59 -36.96
N ILE B 176 25.98 22.14 -35.75
CA ILE B 176 26.05 23.57 -35.49
C ILE B 176 27.43 23.83 -34.93
N ASN B 177 28.33 24.35 -35.77
CA ASN B 177 29.65 24.79 -35.30
C ASN B 177 30.42 23.62 -34.70
N GLY B 178 30.36 22.47 -35.37
CA GLY B 178 31.00 21.26 -34.89
C GLY B 178 30.15 20.40 -33.99
N HIS B 179 29.05 20.92 -33.48
CA HIS B 179 28.18 20.19 -32.55
C HIS B 179 27.23 19.31 -33.37
N GLU B 180 27.32 18.00 -33.17
CA GLU B 180 26.50 17.08 -33.96
C GLU B 180 25.08 17.00 -33.40
N ILE B 181 24.10 17.24 -34.28
CA ILE B 181 22.68 17.11 -33.95
C ILE B 181 22.18 15.84 -34.62
N LYS B 182 21.86 14.85 -33.79
CA LYS B 182 21.49 13.52 -34.25
C LYS B 182 20.29 12.97 -33.49
N ASP B 183 19.65 11.98 -34.10
CA ASP B 183 18.50 11.31 -33.50
C ASP B 183 18.89 9.92 -33.04
N VAL B 184 18.06 9.36 -32.15
CA VAL B 184 18.28 8.00 -31.68
C VAL B 184 18.45 7.06 -32.87
N ALA B 185 17.57 7.17 -33.85
CA ALA B 185 17.67 6.41 -35.10
C ALA B 185 17.65 7.37 -36.28
N ARG B 186 18.30 6.97 -37.36
CA ARG B 186 18.51 7.85 -38.50
C ARG B 186 17.31 7.77 -39.44
N TYR B 187 16.64 8.91 -39.62
CA TYR B 187 15.54 9.04 -40.58
C TYR B 187 15.87 10.20 -41.52
N SER B 188 15.87 9.91 -42.83
CA SER B 188 16.10 10.97 -43.80
C SER B 188 15.10 12.09 -43.60
N GLU B 189 13.82 11.76 -43.69
CA GLU B 189 12.75 12.73 -43.52
C GLU B 189 11.71 12.17 -42.56
N LEU B 190 10.90 13.08 -42.02
CA LEU B 190 9.81 12.72 -41.13
C LEU B 190 8.66 13.69 -41.33
N THR B 191 7.45 13.19 -41.16
CA THR B 191 6.33 14.10 -41.07
C THR B 191 6.42 14.89 -39.76
N LEU B 192 5.61 15.93 -39.67
CA LEU B 192 5.43 16.62 -38.40
C LEU B 192 5.01 15.63 -37.32
N THR B 193 3.98 14.83 -37.60
CA THR B 193 3.61 13.76 -36.68
C THR B 193 4.81 12.88 -36.38
N GLY B 194 5.53 12.47 -37.43
CA GLY B 194 6.69 11.61 -37.26
C GLY B 194 7.75 12.22 -36.37
N VAL B 195 7.91 13.55 -36.42
CA VAL B 195 8.88 14.21 -35.56
C VAL B 195 8.63 13.85 -34.10
N LEU B 196 7.38 13.97 -33.66
CA LEU B 196 7.01 13.59 -32.30
C LEU B 196 7.06 12.07 -32.13
N GLN B 197 6.57 11.33 -33.12
CA GLN B 197 6.49 9.88 -33.01
C GLN B 197 7.87 9.25 -32.78
N LYS B 198 8.89 9.72 -33.49
CA LYS B 198 10.25 9.20 -33.32
C LYS B 198 11.10 10.06 -32.38
N SER B 199 10.57 11.17 -31.89
CA SER B 199 11.29 12.07 -30.99
C SER B 199 12.62 12.48 -31.64
N SER B 200 12.47 13.18 -32.75
CA SER B 200 13.57 13.57 -33.63
C SER B 200 14.16 14.88 -33.14
N ASN B 201 15.34 14.82 -32.50
CA ASN B 201 16.05 16.05 -32.13
C ASN B 201 16.31 16.91 -33.36
N VAL B 202 16.67 16.28 -34.47
CA VAL B 202 16.91 17.00 -35.70
C VAL B 202 15.69 17.83 -36.08
N GLY B 203 14.54 17.16 -36.23
CA GLY B 203 13.33 17.87 -36.63
C GLY B 203 13.04 19.09 -35.77
N VAL B 204 12.99 18.89 -34.44
CA VAL B 204 12.71 20.01 -33.55
C VAL B 204 13.80 21.07 -33.65
N SER B 205 15.07 20.63 -33.66
CA SER B 205 16.16 21.59 -33.73
C SER B 205 16.07 22.45 -34.99
N LYS B 206 15.78 21.82 -36.15
CA LYS B 206 15.56 22.60 -37.36
C LYS B 206 14.35 23.52 -37.21
N LEU B 207 13.31 23.04 -36.52
CA LEU B 207 12.15 23.89 -36.30
C LEU B 207 12.53 25.13 -35.50
N ALA B 208 13.26 24.94 -34.40
CA ALA B 208 13.67 26.06 -33.56
C ALA B 208 14.55 27.03 -34.34
N LEU B 209 15.43 26.50 -35.20
CA LEU B 209 16.40 27.36 -35.87
C LEU B 209 15.77 28.27 -36.90
N ALA B 210 14.49 28.12 -37.20
CA ALA B 210 13.78 29.00 -38.11
C ALA B 210 12.88 29.99 -37.39
N MET B 211 13.01 30.09 -36.07
CA MET B 211 12.26 31.02 -35.24
C MET B 211 13.23 31.76 -34.34
N PRO B 212 12.90 32.99 -33.96
CA PRO B 212 13.75 33.72 -33.00
C PRO B 212 14.08 32.88 -31.78
N SER B 213 15.11 33.26 -31.02
CA SER B 213 15.38 32.54 -29.77
C SER B 213 14.22 32.70 -28.79
N SER B 214 13.48 33.81 -28.90
CA SER B 214 12.37 34.08 -27.99
C SER B 214 11.22 33.11 -28.21
N ALA B 215 11.09 32.57 -29.43
CA ALA B 215 9.92 31.74 -29.76
C ALA B 215 9.64 30.70 -28.68
N LEU B 216 10.57 29.75 -28.50
CA LEU B 216 10.32 28.67 -27.55
C LEU B 216 10.33 29.17 -26.11
N VAL B 217 11.08 30.25 -25.84
CA VAL B 217 11.13 30.80 -24.49
C VAL B 217 9.75 31.32 -24.10
N ASP B 218 9.04 31.93 -25.05
CA ASP B 218 7.67 32.35 -24.78
C ASP B 218 6.77 31.14 -24.54
N THR B 219 6.80 30.16 -25.46
CA THR B 219 5.90 29.02 -25.37
C THR B 219 6.06 28.29 -24.04
N TYR B 220 7.30 28.00 -23.65
CA TYR B 220 7.53 27.21 -22.43
C TYR B 220 7.01 27.95 -21.21
N SER B 221 7.21 29.27 -21.16
CA SER B 221 6.69 30.05 -20.05
C SER B 221 5.17 30.06 -20.05
N ARG B 222 4.57 30.26 -21.22
CA ARG B 222 3.12 30.22 -21.33
C ARG B 222 2.56 28.91 -20.79
N PHE B 223 3.31 27.82 -20.90
CA PHE B 223 2.88 26.54 -20.34
C PHE B 223 3.35 26.35 -18.91
N GLY B 224 3.97 27.37 -18.32
CA GLY B 224 4.28 27.38 -16.92
C GLY B 224 5.70 27.00 -16.57
N LEU B 225 6.55 26.72 -17.55
CA LEU B 225 7.92 26.40 -17.19
C LEU B 225 8.63 27.67 -16.75
N GLY B 226 9.49 27.52 -15.75
CA GLY B 226 10.11 28.66 -15.14
C GLY B 226 9.23 29.47 -14.21
N LYS B 227 8.00 29.03 -13.98
CA LYS B 227 7.08 29.74 -13.08
C LYS B 227 6.84 28.92 -11.82
N ALA B 228 6.57 29.65 -10.72
CA ALA B 228 6.25 28.99 -9.46
C ALA B 228 4.99 28.15 -9.61
N THR B 229 4.94 27.02 -8.87
CA THR B 229 3.75 26.18 -8.83
C THR B 229 2.76 26.62 -7.76
N ASN B 230 3.21 27.38 -6.75
CA ASN B 230 2.32 28.13 -5.83
C ASN B 230 1.43 27.23 -4.97
N LEU B 231 1.82 25.98 -4.70
CA LEU B 231 1.03 25.21 -3.75
C LEU B 231 1.30 25.63 -2.31
N GLY B 232 2.38 26.37 -2.06
CA GLY B 232 2.69 26.81 -0.71
C GLY B 232 3.35 25.76 0.15
N LEU B 233 3.93 24.72 -0.45
CA LEU B 233 4.58 23.68 0.32
C LEU B 233 6.06 23.99 0.50
N VAL B 234 6.60 23.60 1.66
CA VAL B 234 7.96 23.98 2.00
C VAL B 234 8.95 23.20 1.15
N GLY B 235 9.99 23.88 0.68
CA GLY B 235 10.90 23.32 -0.27
C GLY B 235 10.46 23.42 -1.70
N GLU B 236 9.21 23.84 -1.96
CA GLU B 236 8.71 23.95 -3.32
C GLU B 236 9.67 24.80 -4.16
N ARG B 237 9.82 24.41 -5.42
CA ARG B 237 10.93 24.88 -6.22
C ARG B 237 10.41 25.27 -7.59
N SER B 238 11.03 26.27 -8.19
CA SER B 238 10.57 26.84 -9.46
C SER B 238 11.44 26.45 -10.63
N GLY B 239 12.50 25.67 -10.40
CA GLY B 239 13.41 25.25 -11.45
C GLY B 239 14.42 26.33 -11.78
N LEU B 240 15.21 26.08 -12.83
CA LEU B 240 15.94 27.14 -13.51
C LEU B 240 15.40 27.25 -14.92
N TYR B 241 15.23 28.49 -15.37
CA TYR B 241 14.72 28.79 -16.68
C TYR B 241 15.61 29.83 -17.32
N PRO B 242 15.92 29.69 -18.61
CA PRO B 242 16.93 30.57 -19.23
C PRO B 242 16.37 31.97 -19.48
N GLN B 243 17.12 32.97 -19.03
CA GLN B 243 16.81 34.37 -19.27
C GLN B 243 17.95 35.02 -20.05
N LYS B 244 18.64 34.20 -20.86
CA LYS B 244 19.68 34.67 -21.76
C LYS B 244 19.15 35.68 -22.76
N GLN B 245 19.76 36.86 -22.76
CA GLN B 245 19.44 37.87 -23.77
C GLN B 245 19.69 37.34 -25.18
N ARG B 246 20.89 36.80 -25.41
CA ARG B 246 21.27 36.28 -26.70
C ARG B 246 21.43 34.77 -26.63
N TRP B 247 20.83 34.07 -27.58
CA TRP B 247 20.90 32.61 -27.59
C TRP B 247 21.78 32.11 -28.73
N SER B 248 22.72 31.24 -28.38
CA SER B 248 23.64 30.63 -29.34
C SER B 248 22.92 29.62 -30.21
N ASP B 249 23.47 29.32 -31.38
CA ASP B 249 22.83 28.37 -32.28
C ASP B 249 22.71 27.01 -31.62
N ILE B 250 23.77 26.58 -30.94
CA ILE B 250 23.73 25.31 -30.23
C ILE B 250 22.70 25.39 -29.11
N GLU B 251 22.69 26.52 -28.40
CA GLU B 251 21.74 26.76 -27.32
C GLU B 251 20.32 26.81 -27.85
N ARG B 252 20.14 27.47 -28.99
CA ARG B 252 18.83 27.58 -29.63
C ARG B 252 18.32 26.21 -30.06
N ALA B 253 19.22 25.31 -30.44
CA ALA B 253 18.83 24.00 -30.94
C ALA B 253 18.59 23.02 -29.79
N THR B 254 19.49 22.99 -28.81
CA THR B 254 19.31 22.07 -27.69
C THR B 254 18.10 22.46 -26.83
N PHE B 255 17.65 23.69 -26.91
CA PHE B 255 16.45 24.09 -26.17
C PHE B 255 15.21 23.38 -26.71
N SER B 256 15.20 23.10 -28.02
CA SER B 256 14.06 22.45 -28.64
C SER B 256 13.92 20.99 -28.21
N PHE B 257 14.87 20.46 -27.45
CA PHE B 257 14.67 19.13 -26.87
C PHE B 257 15.15 19.08 -25.43
N GLY B 258 14.84 20.10 -24.63
CA GLY B 258 14.89 19.96 -23.19
C GLY B 258 16.21 20.28 -22.50
N TYR B 259 17.23 20.76 -23.22
CA TYR B 259 18.46 21.19 -22.59
C TYR B 259 18.34 22.65 -22.15
N GLY B 260 19.10 23.01 -21.11
CA GLY B 260 19.23 24.39 -20.74
C GLY B 260 18.14 24.94 -19.84
N LEU B 261 17.28 24.09 -19.33
CA LEU B 261 16.26 24.48 -18.37
C LEU B 261 15.96 23.28 -17.50
N MET B 262 15.34 23.54 -16.35
CA MET B 262 15.20 22.51 -15.34
C MET B 262 13.85 22.68 -14.68
N VAL B 263 13.12 21.57 -14.52
CA VAL B 263 11.72 21.61 -14.13
C VAL B 263 11.48 20.61 -13.02
N THR B 264 10.53 20.91 -12.15
CA THR B 264 10.08 19.90 -11.21
C THR B 264 9.04 19.00 -11.86
N PRO B 265 8.87 17.78 -11.34
CA PRO B 265 7.79 16.94 -11.86
C PRO B 265 6.45 17.66 -11.84
N LEU B 266 6.19 18.43 -10.80
CA LEU B 266 4.93 19.18 -10.73
C LEU B 266 4.81 20.17 -11.88
N GLN B 267 5.88 20.93 -12.16
CA GLN B 267 5.87 21.86 -13.30
C GLN B 267 5.53 21.14 -14.59
N LEU B 268 6.13 19.96 -14.83
CA LEU B 268 5.84 19.21 -16.04
C LEU B 268 4.38 18.77 -16.09
N ALA B 269 3.85 18.30 -14.96
CA ALA B 269 2.46 17.87 -14.91
C ALA B 269 1.54 19.02 -15.32
N ARG B 270 1.86 20.24 -14.88
CA ARG B 270 1.08 21.40 -15.26
C ARG B 270 1.22 21.71 -16.74
N VAL B 271 2.40 21.53 -17.32
CA VAL B 271 2.53 21.68 -18.77
C VAL B 271 1.50 20.80 -19.46
N TYR B 272 1.45 19.53 -19.07
CA TYR B 272 0.59 18.57 -19.76
C TYR B 272 -0.88 18.77 -19.42
N ALA B 273 -1.17 19.35 -18.25
CA ALA B 273 -2.56 19.73 -17.99
C ALA B 273 -3.00 20.89 -18.90
N THR B 274 -2.06 21.71 -19.34
CA THR B 274 -2.40 22.84 -20.23
C THR B 274 -2.54 22.35 -21.67
N ILE B 275 -1.71 21.40 -22.07
CA ILE B 275 -1.94 20.63 -23.28
C ILE B 275 -3.30 19.94 -23.21
N GLY B 276 -3.59 19.28 -22.08
CA GLY B 276 -4.81 18.50 -21.98
C GLY B 276 -6.07 19.33 -22.17
N SER B 277 -6.05 20.57 -21.69
CA SER B 277 -7.17 21.48 -21.81
C SER B 277 -7.17 22.21 -23.13
N TYR B 278 -6.25 21.87 -24.04
CA TYR B 278 -6.14 22.51 -25.33
C TYR B 278 -5.78 24.00 -25.19
N GLY B 279 -4.87 24.30 -24.27
CA GLY B 279 -4.31 25.64 -24.17
C GLY B 279 -4.84 26.51 -23.05
N ILE B 280 -5.56 25.94 -22.09
CA ILE B 280 -6.05 26.70 -20.94
C ILE B 280 -5.12 26.40 -19.78
N TYR B 281 -4.37 27.42 -19.36
CA TYR B 281 -3.47 27.32 -18.22
C TYR B 281 -4.27 27.53 -16.94
N ARG B 282 -4.24 26.53 -16.04
CA ARG B 282 -4.98 26.57 -14.79
C ARG B 282 -4.04 26.47 -13.60
N PRO B 283 -4.26 27.24 -12.54
CA PRO B 283 -3.40 27.12 -11.36
C PRO B 283 -3.63 25.79 -10.68
N LEU B 284 -2.54 25.18 -10.25
CA LEU B 284 -2.62 23.94 -9.50
C LEU B 284 -3.29 24.19 -8.16
N SER B 285 -3.96 23.16 -7.62
CA SER B 285 -4.49 23.23 -6.26
C SER B 285 -4.32 21.89 -5.56
N ILE B 286 -4.00 21.93 -4.25
CA ILE B 286 -4.00 20.74 -3.40
C ILE B 286 -5.23 20.66 -2.54
N THR B 287 -6.06 21.69 -2.58
CA THR B 287 -7.34 21.67 -1.90
C THR B 287 -8.42 21.33 -2.91
N LYS B 288 -9.43 20.60 -2.44
CA LYS B 288 -10.55 20.30 -3.31
C LYS B 288 -11.09 21.60 -3.89
N VAL B 289 -11.31 21.60 -5.20
CA VAL B 289 -11.81 22.74 -5.95
C VAL B 289 -13.26 22.51 -6.34
N ASP B 290 -14.09 23.52 -6.14
CA ASP B 290 -15.45 23.51 -6.62
C ASP B 290 -15.42 24.13 -8.00
N PRO B 291 -15.72 23.39 -9.07
CA PRO B 291 -15.56 23.93 -10.42
C PRO B 291 -16.65 24.94 -10.72
N PRO B 292 -16.57 25.64 -11.86
CA PRO B 292 -15.51 25.71 -12.88
C PRO B 292 -14.29 26.53 -12.46
N VAL B 293 -13.15 26.27 -13.09
CA VAL B 293 -11.94 27.08 -12.94
C VAL B 293 -11.59 27.65 -14.31
N PRO B 294 -11.59 28.98 -14.48
CA PRO B 294 -11.45 29.51 -15.85
C PRO B 294 -10.04 29.39 -16.42
N GLY B 295 -8.98 29.60 -15.62
CA GLY B 295 -7.63 29.58 -16.16
C GLY B 295 -7.41 30.55 -17.33
N GLU B 296 -6.23 30.48 -17.93
CA GLU B 296 -5.90 31.38 -19.02
C GLU B 296 -5.68 30.68 -20.34
N ARG B 297 -6.20 31.27 -21.41
CA ARG B 297 -6.03 30.68 -22.72
C ARG B 297 -4.67 31.20 -23.15
N VAL B 298 -3.68 30.34 -22.98
CA VAL B 298 -2.29 30.65 -23.30
C VAL B 298 -1.94 30.25 -24.72
N PHE B 299 -2.82 29.54 -25.43
CA PHE B 299 -2.36 29.12 -26.74
C PHE B 299 -3.63 28.71 -27.48
N PRO B 300 -3.71 28.94 -28.80
CA PRO B 300 -4.96 28.61 -29.52
C PRO B 300 -5.38 27.15 -29.41
N GLU B 301 -6.69 26.96 -29.18
CA GLU B 301 -7.25 25.62 -28.97
C GLU B 301 -7.05 24.73 -30.19
N SER B 302 -7.34 25.25 -31.38
CA SER B 302 -7.20 24.44 -32.59
C SER B 302 -5.78 23.91 -32.75
N LEU B 303 -4.79 24.75 -32.44
CA LEU B 303 -3.39 24.35 -32.62
C LEU B 303 -2.99 23.28 -31.60
N VAL B 304 -3.37 23.46 -30.34
CA VAL B 304 -3.08 22.45 -29.32
C VAL B 304 -3.82 21.16 -29.64
N ARG B 305 -5.09 21.28 -30.01
CA ARG B 305 -5.89 20.13 -30.43
C ARG B 305 -5.15 19.30 -31.48
N THR B 306 -4.55 19.99 -32.45
CA THR B 306 -3.84 19.33 -33.53
C THR B 306 -2.62 18.56 -33.01
N VAL B 307 -1.83 19.19 -32.14
CA VAL B 307 -0.62 18.53 -31.63
C VAL B 307 -0.96 17.38 -30.68
N VAL B 308 -2.04 17.51 -29.91
CA VAL B 308 -2.50 16.38 -29.10
C VAL B 308 -2.73 15.16 -29.99
N HIS B 309 -3.39 15.35 -31.14
CA HIS B 309 -3.62 14.23 -32.03
C HIS B 309 -2.31 13.66 -32.56
N MET B 310 -1.36 14.54 -32.92
CA MET B 310 -0.04 14.07 -33.32
C MET B 310 0.62 13.27 -32.21
N MET B 311 0.37 13.63 -30.95
CA MET B 311 0.98 12.93 -29.84
C MET B 311 0.45 11.51 -29.68
N GLU B 312 -0.73 11.21 -30.22
CA GLU B 312 -1.21 9.83 -30.08
C GLU B 312 -0.25 8.86 -30.75
N SER B 313 0.46 9.31 -31.78
CA SER B 313 1.37 8.43 -32.50
C SER B 313 2.52 7.96 -31.63
N VAL B 314 2.82 8.68 -30.54
CA VAL B 314 3.88 8.24 -29.66
C VAL B 314 3.50 6.92 -29.00
N ALA B 315 2.21 6.67 -28.80
CA ALA B 315 1.77 5.48 -28.10
C ALA B 315 1.30 4.38 -29.03
N LEU B 316 1.43 4.56 -30.34
CA LEU B 316 1.05 3.59 -31.36
C LEU B 316 2.28 2.91 -31.93
N PRO B 317 2.11 1.75 -32.56
CA PRO B 317 3.25 1.08 -33.19
C PRO B 317 4.06 2.06 -34.01
N GLY B 318 5.38 2.03 -33.82
CA GLY B 318 6.28 2.96 -34.45
C GLY B 318 6.75 4.09 -33.55
N GLY B 319 5.96 4.45 -32.54
CA GLY B 319 6.35 5.51 -31.64
C GLY B 319 7.06 4.99 -30.42
N GLY B 320 7.77 5.88 -29.73
CA GLY B 320 8.65 5.44 -28.66
C GLY B 320 7.99 5.13 -27.34
N GLY B 321 6.71 5.46 -27.18
CA GLY B 321 6.04 5.21 -25.93
C GLY B 321 4.95 4.16 -26.07
N VAL B 322 5.13 3.23 -27.01
CA VAL B 322 4.09 2.22 -27.27
C VAL B 322 3.83 1.34 -26.05
N LYS B 323 4.82 1.17 -25.17
CA LYS B 323 4.60 0.32 -24.00
C LYS B 323 3.68 0.97 -22.98
N ALA B 324 3.35 2.25 -23.14
CA ALA B 324 2.34 2.90 -22.31
C ALA B 324 0.91 2.68 -22.83
N ALA B 325 0.70 2.00 -23.97
CA ALA B 325 -0.63 1.83 -24.54
C ALA B 325 -1.59 1.15 -23.57
N ILE B 326 -2.86 1.57 -23.61
CA ILE B 326 -3.92 1.05 -22.75
C ILE B 326 -5.05 0.58 -23.64
N LYS B 327 -5.34 -0.72 -23.57
CA LYS B 327 -6.45 -1.27 -24.36
C LYS B 327 -7.73 -0.48 -24.10
N GLY B 328 -8.33 0.01 -25.18
CA GLY B 328 -9.60 0.68 -25.11
C GLY B 328 -9.55 2.19 -25.11
N TYR B 329 -8.36 2.79 -24.97
CA TYR B 329 -8.26 4.24 -24.75
C TYR B 329 -7.18 4.86 -25.63
N ARG B 330 -7.53 5.99 -26.24
CA ARG B 330 -6.53 6.82 -26.90
C ARG B 330 -5.74 7.58 -25.85
N ILE B 331 -4.42 7.64 -26.03
CA ILE B 331 -3.55 8.39 -25.14
C ILE B 331 -2.57 9.21 -25.98
N ALA B 332 -2.30 10.43 -25.52
CA ALA B 332 -1.43 11.38 -26.17
C ALA B 332 -0.28 11.63 -25.21
N ILE B 333 0.90 11.09 -25.51
CA ILE B 333 2.00 11.10 -24.55
C ILE B 333 3.26 11.59 -25.22
N LYS B 334 4.28 11.81 -24.41
CA LYS B 334 5.62 12.05 -24.90
C LYS B 334 6.59 11.45 -23.90
N THR B 335 7.51 10.65 -24.39
CA THR B 335 8.58 10.13 -23.57
C THR B 335 9.78 11.07 -23.61
N GLY B 336 10.63 10.94 -22.60
CA GLY B 336 11.89 11.66 -22.56
C GLY B 336 12.94 10.82 -21.90
N THR B 337 14.19 11.10 -22.25
CA THR B 337 15.36 10.61 -21.54
C THR B 337 16.35 11.77 -21.45
N ALA B 338 16.84 12.02 -20.24
CA ALA B 338 17.76 13.13 -19.99
C ALA B 338 18.97 12.61 -19.23
N LYS B 339 20.17 12.92 -19.75
CA LYS B 339 21.39 12.69 -18.98
C LYS B 339 21.38 13.56 -17.73
N LYS B 340 21.73 12.98 -16.60
CA LYS B 340 21.90 13.77 -15.38
C LYS B 340 23.19 14.58 -15.46
N VAL B 341 23.33 15.57 -14.58
CA VAL B 341 24.55 16.39 -14.58
C VAL B 341 25.51 15.98 -13.48
N TYR B 347 27.96 16.25 -17.34
CA TYR B 347 27.08 15.16 -17.77
C TYR B 347 27.70 13.81 -17.50
N ILE B 348 26.85 12.88 -17.09
CA ILE B 348 27.22 11.55 -16.64
C ILE B 348 26.37 10.52 -17.37
N ASN B 349 26.81 9.27 -17.30
CA ASN B 349 26.06 8.17 -17.90
C ASN B 349 24.99 7.68 -16.94
N LYS B 350 24.22 8.61 -16.40
CA LYS B 350 23.05 8.34 -15.57
C LYS B 350 21.91 9.19 -16.09
N TYR B 351 20.69 8.69 -15.97
CA TYR B 351 19.57 9.19 -16.77
C TYR B 351 18.31 9.41 -15.96
N ILE B 352 17.52 10.38 -16.41
CA ILE B 352 16.15 10.61 -15.96
C ILE B 352 15.23 10.02 -17.02
N ALA B 353 14.38 9.07 -16.62
CA ALA B 353 13.42 8.44 -17.52
C ALA B 353 12.05 9.09 -17.31
N TYR B 354 11.48 9.63 -18.41
CA TYR B 354 10.28 10.44 -18.39
C TYR B 354 9.19 9.78 -19.22
N THR B 355 7.94 9.86 -18.75
CA THR B 355 6.79 9.77 -19.65
C THR B 355 5.73 10.72 -19.12
N ALA B 356 5.27 11.62 -19.98
CA ALA B 356 4.21 12.56 -19.66
C ALA B 356 3.11 12.44 -20.70
N GLY B 357 1.86 12.66 -20.29
CA GLY B 357 0.75 12.45 -21.20
C GLY B 357 -0.59 12.83 -20.61
N VAL B 358 -1.58 12.86 -21.49
CA VAL B 358 -2.97 13.12 -21.15
C VAL B 358 -3.83 11.98 -21.71
N ALA B 359 -5.00 11.80 -21.10
CA ALA B 359 -5.93 10.74 -21.50
C ALA B 359 -7.31 11.11 -20.98
N PRO B 360 -8.39 10.68 -21.67
CA PRO B 360 -8.30 10.02 -22.99
C PRO B 360 -8.10 11.04 -24.09
N ALA B 361 -7.34 10.72 -25.13
CA ALA B 361 -6.92 11.74 -26.08
C ALA B 361 -8.08 12.38 -26.83
N SER B 362 -9.21 11.70 -26.90
CA SER B 362 -10.36 12.28 -27.60
C SER B 362 -10.92 13.46 -26.82
N HIS B 363 -10.85 13.41 -25.49
CA HIS B 363 -11.31 14.48 -24.61
C HIS B 363 -10.56 14.39 -23.29
N PRO B 364 -9.39 15.02 -23.18
CA PRO B 364 -8.50 14.72 -22.03
C PRO B 364 -9.13 15.14 -20.71
N ARG B 365 -9.05 14.23 -19.74
CA ARG B 365 -9.44 14.46 -18.35
C ARG B 365 -8.27 14.52 -17.37
N PHE B 366 -7.19 13.81 -17.65
CA PHE B 366 -6.11 13.66 -16.69
C PHE B 366 -4.78 13.89 -17.37
N ALA B 367 -3.89 14.56 -16.65
CA ALA B 367 -2.52 14.73 -17.07
C ALA B 367 -1.66 14.00 -16.04
N LEU B 368 -0.72 13.19 -16.51
CA LEU B 368 0.12 12.39 -15.64
C LEU B 368 1.57 12.54 -16.08
N VAL B 369 2.49 12.68 -15.11
CA VAL B 369 3.92 12.61 -15.40
C VAL B 369 4.50 11.50 -14.54
N VAL B 370 5.36 10.69 -15.14
CA VAL B 370 6.13 9.68 -14.42
C VAL B 370 7.60 10.00 -14.64
N VAL B 371 8.32 10.21 -13.56
CA VAL B 371 9.75 10.55 -13.59
C VAL B 371 10.49 9.52 -12.76
N ILE B 372 11.42 8.79 -13.38
CA ILE B 372 12.20 7.79 -12.67
C ILE B 372 13.68 8.16 -12.78
N ASN B 373 14.32 8.33 -11.63
CA ASN B 373 15.60 9.04 -11.54
C ASN B 373 16.70 8.02 -11.31
N ASP B 374 17.58 7.86 -12.30
CA ASP B 374 18.78 7.02 -12.26
C ASP B 374 18.43 5.54 -12.22
N PRO B 375 17.68 5.04 -13.20
CA PRO B 375 17.42 3.60 -13.25
C PRO B 375 18.71 2.85 -13.54
N GLN B 376 18.96 1.75 -12.81
CA GLN B 376 20.24 1.05 -12.88
C GLN B 376 20.04 -0.45 -13.09
N ALA B 377 18.91 -0.86 -13.67
CA ALA B 377 18.63 -2.27 -13.90
C ALA B 377 18.90 -2.68 -15.35
N GLY B 378 19.81 -1.99 -16.01
CA GLY B 378 20.16 -2.27 -17.37
C GLY B 378 19.40 -1.46 -18.38
N LYS B 379 18.30 -0.83 -17.97
CA LYS B 379 17.49 -0.06 -18.89
C LYS B 379 17.27 1.34 -18.33
N TYR B 380 17.16 2.33 -19.23
CA TYR B 380 17.07 3.70 -18.78
C TYR B 380 16.27 4.61 -19.73
N TYR B 381 15.93 4.14 -20.92
CA TYR B 381 15.18 5.00 -21.83
C TYR B 381 13.76 5.21 -21.30
N GLY B 382 13.28 6.45 -21.39
CA GLY B 382 11.91 6.75 -20.98
C GLY B 382 10.90 5.73 -21.48
N GLY B 383 10.89 5.49 -22.78
CA GLY B 383 9.93 4.55 -23.35
C GLY B 383 10.04 3.17 -22.74
N ALA B 384 11.23 2.80 -22.28
CA ALA B 384 11.47 1.49 -21.70
C ALA B 384 11.15 1.45 -20.22
N VAL B 385 11.49 2.49 -19.47
CA VAL B 385 11.43 2.45 -18.01
C VAL B 385 10.13 3.03 -17.46
N SER B 386 9.73 4.21 -17.93
CA SER B 386 8.56 4.84 -17.31
C SER B 386 7.30 4.77 -18.18
N ALA B 387 7.41 4.51 -19.47
CA ALA B 387 6.21 4.34 -20.28
C ALA B 387 5.34 3.18 -19.80
N PRO B 388 5.89 2.00 -19.48
CA PRO B 388 5.04 0.94 -18.89
C PRO B 388 4.34 1.40 -17.63
N VAL B 389 5.03 2.18 -16.81
CA VAL B 389 4.45 2.65 -15.56
C VAL B 389 3.33 3.66 -15.85
N PHE B 390 3.54 4.52 -16.84
CA PHE B 390 2.48 5.44 -17.24
C PHE B 390 1.22 4.68 -17.63
N GLY B 391 1.37 3.65 -18.46
CA GLY B 391 0.20 2.89 -18.91
C GLY B 391 -0.50 2.19 -17.77
N ALA B 392 0.28 1.56 -16.88
CA ALA B 392 -0.28 0.91 -15.71
C ALA B 392 -1.05 1.90 -14.84
N ILE B 393 -0.46 3.05 -14.54
CA ILE B 393 -1.14 4.04 -13.69
C ILE B 393 -2.38 4.59 -14.39
N MET B 394 -2.22 5.10 -15.61
CA MET B 394 -3.30 5.83 -16.26
C MET B 394 -4.45 4.88 -16.61
N GLY B 395 -4.12 3.62 -16.95
CA GLY B 395 -5.15 2.60 -17.07
C GLY B 395 -5.95 2.43 -15.79
N GLY B 396 -5.27 2.35 -14.65
CA GLY B 396 -5.98 2.28 -13.38
C GLY B 396 -6.84 3.51 -13.08
N VAL B 397 -6.30 4.71 -13.36
CA VAL B 397 -7.05 5.95 -13.16
C VAL B 397 -8.32 5.94 -14.01
N LEU B 398 -8.19 5.55 -15.28
CA LEU B 398 -9.34 5.63 -16.16
C LEU B 398 -10.44 4.69 -15.69
N ARG B 399 -10.06 3.50 -15.22
CA ARG B 399 -11.05 2.55 -14.71
C ARG B 399 -11.68 3.07 -13.43
N THR B 400 -10.84 3.50 -12.48
CA THR B 400 -11.35 3.92 -11.18
C THR B 400 -12.33 5.07 -11.33
N MET B 401 -12.08 5.95 -12.29
CA MET B 401 -12.91 7.13 -12.54
C MET B 401 -14.06 6.84 -13.52
N ASN B 402 -14.27 5.58 -13.87
CA ASN B 402 -15.37 5.21 -14.76
C ASN B 402 -15.36 6.04 -16.04
N ILE B 403 -14.18 6.18 -16.63
CA ILE B 403 -14.08 6.88 -17.92
C ILE B 403 -14.44 5.91 -19.04
N GLU B 404 -15.31 6.33 -19.93
CA GLU B 404 -15.69 5.28 -20.86
C GLU B 404 -14.66 5.18 -21.99
N PRO B 405 -14.40 3.96 -22.47
CA PRO B 405 -13.36 3.79 -23.48
C PRO B 405 -13.48 4.72 -24.67
N ASP B 406 -12.36 4.83 -25.35
CA ASP B 406 -12.09 5.90 -26.27
C ASP B 406 -11.78 5.37 -27.67
N ALA B 407 -11.25 4.17 -27.74
CA ALA B 407 -10.72 3.63 -28.98
C ALA B 407 -11.86 2.90 -29.66
N LEU B 408 -12.08 3.23 -30.92
CA LEU B 408 -13.08 2.53 -31.71
C LEU B 408 -12.48 1.24 -32.23
N ALA B 409 -13.25 0.17 -32.17
CA ALA B 409 -12.83 -1.08 -32.78
C ALA B 409 -12.46 -0.83 -34.23
N THR B 410 -11.49 -1.60 -34.72
CA THR B 410 -11.14 -1.54 -36.12
C THR B 410 -10.96 -2.93 -36.68
#